data_5H1A
#
_entry.id   5H1A
#
_cell.length_a   90.889
_cell.length_b   155.375
_cell.length_c   83.262
_cell.angle_alpha   90.00
_cell.angle_beta   90.00
_cell.angle_gamma   90.00
#
_symmetry.space_group_name_H-M   'P 21 21 2'
#
loop_
_entity.id
_entity.type
_entity.pdbx_description
1 polymer 'IclR transcription factor homolog'
2 non-polymer 'PHOSPHATE ION'
3 water water
#
_entity_poly.entity_id   1
_entity_poly.type   'polypeptide(L)'
_entity_poly.pdbx_seq_one_letter_code
;MGSSHHHHHHSSGLVPRGSHMANSPSGDSMLARVVRVLETFNVDRTAQTASDIGRRAALPSSTAHRVVDEMVLVGILERG
IDGKVRLGMRLWELALRGSMALRLRQVALPHMERVQQRVREHTQLAVLEHNEVLFLERLSHHEAVSNLARVAGRLPVHAS
SSGLMLLAHAGPEVREEVLSKPLPRVGPGTVTDPEALRRLLANAYRAGYVAAPGYIEAVATGIAVPIRSEGVVIAALSAV
QPLQNAVEPTVEILREAAVGIETDLRASRW
;
_entity_poly.pdbx_strand_id   A,B,C,D
#
loop_
_chem_comp.id
_chem_comp.type
_chem_comp.name
_chem_comp.formula
PO4 non-polymer 'PHOSPHATE ION' 'O4 P -3'
#
# COMPACT_ATOMS: atom_id res chain seq x y z
N ASP A 28 30.02 25.49 23.21
CA ASP A 28 28.92 26.11 22.40
C ASP A 28 27.81 26.68 23.28
N SER A 29 26.98 27.55 22.69
CA SER A 29 25.80 28.08 23.38
C SER A 29 24.88 26.93 23.80
N MET A 30 23.97 27.22 24.72
CA MET A 30 22.99 26.25 25.14
C MET A 30 22.20 25.77 23.92
N LEU A 31 21.72 26.72 23.12
CA LEU A 31 20.87 26.46 21.97
C LEU A 31 21.53 25.57 20.91
N ALA A 32 22.82 25.81 20.64
CA ALA A 32 23.58 24.99 19.71
C ALA A 32 23.75 23.54 20.20
N ARG A 33 23.93 23.38 21.51
CA ARG A 33 23.96 22.05 22.11
C ARG A 33 22.59 21.36 22.04
N VAL A 34 21.53 22.12 22.24
CA VAL A 34 20.15 21.59 22.14
C VAL A 34 19.95 21.03 20.72
N VAL A 35 20.33 21.82 19.71
CA VAL A 35 20.22 21.38 18.32
C VAL A 35 21.06 20.12 18.04
N ARG A 36 22.31 20.10 18.50
CA ARG A 36 23.15 18.89 18.38
C ARG A 36 22.50 17.67 19.02
N VAL A 37 21.89 17.84 20.19
CA VAL A 37 21.14 16.75 20.81
C VAL A 37 19.98 16.28 19.92
N LEU A 38 19.18 17.22 19.42
CA LEU A 38 18.05 16.88 18.58
C LEU A 38 18.50 16.11 17.32
N GLU A 39 19.65 16.48 16.78
CA GLU A 39 20.21 15.85 15.59
C GLU A 39 20.81 14.46 15.81
N THR A 40 20.79 13.96 17.04
CA THR A 40 21.08 12.55 17.30
C THR A 40 19.87 11.64 17.15
N PHE A 41 18.68 12.23 16.99
CA PHE A 41 17.44 11.49 16.76
C PHE A 41 17.15 11.46 15.27
N ASN A 42 16.46 10.40 14.83
CA ASN A 42 16.07 10.25 13.43
C ASN A 42 14.86 9.33 13.36
N VAL A 43 14.26 9.23 12.19
CA VAL A 43 13.06 8.40 12.00
C VAL A 43 13.29 6.93 12.36
N ASP A 44 14.53 6.47 12.33
CA ASP A 44 14.88 5.08 12.77
C ASP A 44 15.51 5.02 14.16
N ARG A 45 15.37 6.08 14.94
CA ARG A 45 15.95 6.13 16.28
C ARG A 45 15.12 7.10 17.10
N THR A 46 14.12 6.52 17.74
CA THR A 46 13.05 7.27 18.41
C THR A 46 13.42 7.60 19.83
N ALA A 47 14.08 6.64 20.47
CA ALA A 47 14.33 6.65 21.91
C ALA A 47 15.80 6.38 22.19
N GLN A 48 16.41 7.21 23.02
CA GLN A 48 17.82 7.07 23.38
C GLN A 48 18.06 7.35 24.85
N THR A 49 19.19 6.87 25.36
CA THR A 49 19.68 7.24 26.70
C THR A 49 20.47 8.53 26.57
N ALA A 50 20.60 9.27 27.68
CA ALA A 50 21.38 10.51 27.67
C ALA A 50 22.87 10.26 27.34
N SER A 51 23.40 9.12 27.77
CA SER A 51 24.79 8.70 27.50
C SER A 51 25.05 8.40 26.02
N ASP A 52 24.12 7.70 25.39
CA ASP A 52 24.20 7.46 23.94
C ASP A 52 24.13 8.78 23.17
N ILE A 53 23.27 9.69 23.63
CA ILE A 53 23.19 11.04 23.08
C ILE A 53 24.58 11.72 23.17
N GLY A 54 25.21 11.63 24.34
CA GLY A 54 26.54 12.21 24.58
C GLY A 54 27.56 11.73 23.56
N ARG A 55 27.63 10.43 23.36
CA ARG A 55 28.53 9.84 22.37
C ARG A 55 28.18 10.31 20.96
N ARG A 56 26.89 10.25 20.60
CA ARG A 56 26.45 10.56 19.23
C ARG A 56 26.56 12.04 18.86
N ALA A 57 26.47 12.91 19.85
CA ALA A 57 26.66 14.36 19.68
C ALA A 57 28.10 14.83 19.97
N ALA A 58 28.97 13.92 20.42
CA ALA A 58 30.31 14.26 20.90
C ALA A 58 30.22 15.36 21.95
N LEU A 59 29.38 15.09 22.95
CA LEU A 59 29.24 15.98 24.09
C LEU A 59 29.72 15.19 25.28
N PRO A 60 30.45 15.85 26.20
CA PRO A 60 30.77 15.16 27.45
C PRO A 60 29.52 14.67 28.15
N SER A 61 29.61 13.46 28.74
CA SER A 61 28.49 12.81 29.43
C SER A 61 27.69 13.72 30.35
N SER A 62 28.40 14.57 31.11
CA SER A 62 27.78 15.50 32.09
C SER A 62 27.08 16.67 31.42
N THR A 63 27.67 17.21 30.36
CA THR A 63 26.99 18.20 29.53
C THR A 63 25.73 17.60 28.89
N ALA A 64 25.86 16.40 28.33
CA ALA A 64 24.74 15.70 27.70
C ALA A 64 23.56 15.54 28.64
N HIS A 65 23.81 14.96 29.82
CA HIS A 65 22.76 14.82 30.85
C HIS A 65 22.09 16.13 31.24
N ARG A 66 22.87 17.17 31.43
CA ARG A 66 22.32 18.50 31.76
C ARG A 66 21.48 19.07 30.62
N VAL A 67 22.00 19.03 29.40
CA VAL A 67 21.25 19.54 28.24
C VAL A 67 19.94 18.75 28.07
N VAL A 68 20.01 17.42 28.14
CA VAL A 68 18.81 16.55 28.06
C VAL A 68 17.76 16.95 29.13
N ASP A 69 18.19 17.04 30.38
CA ASP A 69 17.30 17.44 31.49
C ASP A 69 16.58 18.79 31.25
N GLU A 70 17.32 19.80 30.80
CA GLU A 70 16.70 21.09 30.43
C GLU A 70 15.66 20.94 29.30
N MET A 71 15.99 20.10 28.30
CA MET A 71 15.06 19.82 27.20
C MET A 71 13.80 19.09 27.66
N VAL A 72 13.94 18.17 28.60
CA VAL A 72 12.77 17.50 29.18
C VAL A 72 11.89 18.46 30.00
N LEU A 73 12.53 19.34 30.78
CA LEU A 73 11.82 20.37 31.55
C LEU A 73 10.87 21.23 30.70
N VAL A 74 11.34 21.70 29.55
CA VAL A 74 10.51 22.51 28.66
C VAL A 74 9.70 21.66 27.67
N GLY A 75 9.82 20.35 27.71
CA GLY A 75 8.98 19.44 26.88
C GLY A 75 9.44 19.20 25.44
N ILE A 76 10.62 19.71 25.07
CA ILE A 76 11.23 19.45 23.76
C ILE A 76 11.63 17.97 23.60
N LEU A 77 12.08 17.37 24.70
CA LEU A 77 12.16 15.91 24.83
C LEU A 77 11.14 15.45 25.89
N GLU A 78 10.81 14.16 25.86
CA GLU A 78 10.04 13.50 26.92
C GLU A 78 10.79 12.24 27.37
N ARG A 79 10.65 11.90 28.65
CA ARG A 79 11.10 10.62 29.22
C ARG A 79 10.02 9.56 29.03
N GLY A 80 10.23 8.67 28.06
CA GLY A 80 9.22 7.68 27.69
C GLY A 80 9.05 6.52 28.67
N ILE A 81 8.15 5.63 28.26
CA ILE A 81 7.69 4.46 29.05
C ILE A 81 8.87 3.51 29.39
N ASP A 82 9.82 3.44 28.46
CA ASP A 82 11.02 2.60 28.57
C ASP A 82 12.25 3.20 29.32
N GLY A 83 12.10 4.38 29.97
CA GLY A 83 13.24 5.06 30.63
C GLY A 83 14.15 5.91 29.72
N LYS A 84 13.95 5.84 28.41
CA LYS A 84 14.80 6.59 27.47
C LYS A 84 14.13 7.92 27.11
N VAL A 85 14.88 8.85 26.52
CA VAL A 85 14.28 10.10 26.06
C VAL A 85 13.98 10.04 24.56
N ARG A 86 12.94 10.76 24.17
CA ARG A 86 12.45 10.84 22.80
C ARG A 86 12.00 12.26 22.51
N LEU A 87 11.83 12.58 21.24
CA LEU A 87 11.34 13.92 20.86
C LEU A 87 9.95 14.14 21.45
N GLY A 88 9.70 15.37 21.89
CA GLY A 88 8.47 15.64 22.66
C GLY A 88 7.36 16.23 21.79
N MET A 89 6.12 16.00 22.20
CA MET A 89 4.96 16.55 21.53
C MET A 89 5.03 18.08 21.34
N ARG A 90 5.59 18.76 22.33
CA ARG A 90 5.67 20.21 22.26
C ARG A 90 6.54 20.67 21.06
N LEU A 91 7.62 19.95 20.74
CA LEU A 91 8.43 20.25 19.54
C LEU A 91 7.59 20.17 18.27
N TRP A 92 6.81 19.10 18.18
CA TRP A 92 5.91 18.90 17.05
C TRP A 92 4.89 20.04 16.97
N GLU A 93 4.25 20.36 18.10
CA GLU A 93 3.23 21.43 18.14
C GLU A 93 3.83 22.79 17.73
N LEU A 94 5.04 23.06 18.22
CA LEU A 94 5.76 24.30 17.88
C LEU A 94 6.07 24.36 16.39
N ALA A 95 6.60 23.27 15.84
CA ALA A 95 6.89 23.20 14.40
C ALA A 95 5.61 23.35 13.54
N LEU A 96 4.51 22.76 13.98
CA LEU A 96 3.24 22.84 13.25
C LEU A 96 2.70 24.27 13.12
N ARG A 97 3.12 25.15 14.01
CA ARG A 97 2.73 26.56 13.88
C ARG A 97 3.18 27.23 12.57
N GLY A 98 4.23 26.70 11.92
CA GLY A 98 4.63 27.15 10.57
C GLY A 98 4.38 26.16 9.43
N SER A 99 3.52 25.16 9.66
CA SER A 99 3.42 24.03 8.73
C SER A 99 3.03 24.46 7.33
N MET A 100 2.13 25.43 7.20
CA MET A 100 1.63 25.89 5.92
C MET A 100 2.78 26.30 4.95
N ALA A 101 3.67 27.18 5.36
CA ALA A 101 4.85 27.52 4.54
C ALA A 101 5.93 26.40 4.60
N LEU A 102 6.24 25.91 5.81
CA LEU A 102 7.37 24.98 5.98
C LEU A 102 7.18 23.64 5.31
N ARG A 103 6.00 23.08 5.38
CA ARG A 103 5.74 21.82 4.72
C ARG A 103 5.78 21.95 3.19
N LEU A 104 5.24 23.06 2.67
CA LEU A 104 5.25 23.28 1.22
C LEU A 104 6.69 23.42 0.76
N ARG A 105 7.47 24.22 1.47
CA ARG A 105 8.89 24.44 1.13
C ARG A 105 9.67 23.13 1.17
N GLN A 106 9.52 22.38 2.26
CA GLN A 106 10.28 21.13 2.45
C GLN A 106 9.92 20.10 1.39
N VAL A 107 8.64 20.01 1.03
CA VAL A 107 8.19 19.08 0.01
C VAL A 107 8.61 19.55 -1.41
N ALA A 108 8.61 20.86 -1.64
CA ALA A 108 8.95 21.42 -2.98
C ALA A 108 10.39 21.27 -3.37
N LEU A 109 11.27 21.38 -2.39
CA LEU A 109 12.69 21.47 -2.68
C LEU A 109 13.29 20.32 -3.49
N PRO A 110 12.99 19.06 -3.15
CA PRO A 110 13.45 17.95 -4.00
C PRO A 110 13.00 18.03 -5.47
N HIS A 111 11.77 18.50 -5.70
CA HIS A 111 11.28 18.67 -7.07
C HIS A 111 11.99 19.84 -7.77
N MET A 112 12.28 20.91 -7.04
CA MET A 112 13.04 22.04 -7.58
C MET A 112 14.45 21.62 -7.97
N GLU A 113 15.10 20.78 -7.16
CA GLU A 113 16.41 20.22 -7.50
C GLU A 113 16.37 19.50 -8.82
N ARG A 114 15.31 18.72 -9.03
CA ARG A 114 15.13 17.95 -10.30
C ARG A 114 15.04 18.88 -11.49
N VAL A 115 14.31 19.99 -11.30
CA VAL A 115 14.15 21.02 -12.32
C VAL A 115 15.51 21.64 -12.67
N GLN A 116 16.26 22.03 -11.65
CA GLN A 116 17.64 22.53 -11.81
C GLN A 116 18.54 21.61 -12.62
N GLN A 117 18.50 20.31 -12.33
CA GLN A 117 19.28 19.32 -13.07
C GLN A 117 18.97 19.31 -14.58
N ARG A 118 17.70 19.50 -14.93
CA ARG A 118 17.24 19.52 -16.33
C ARG A 118 17.40 20.88 -17.04
N VAL A 119 17.12 21.97 -16.35
CA VAL A 119 17.13 23.31 -16.95
C VAL A 119 18.47 24.06 -16.72
N ARG A 120 19.06 23.91 -15.54
CA ARG A 120 20.37 24.49 -15.22
C ARG A 120 20.36 26.02 -15.29
N GLU A 121 19.23 26.60 -14.89
CA GLU A 121 19.08 28.05 -14.75
C GLU A 121 18.61 28.34 -13.32
N HIS A 122 17.42 28.90 -13.13
CA HIS A 122 16.95 29.25 -11.79
C HIS A 122 15.54 28.69 -11.66
N THR A 123 15.22 28.18 -10.47
CA THR A 123 13.87 27.72 -10.13
C THR A 123 13.42 28.41 -8.85
N GLN A 124 12.16 28.82 -8.81
CA GLN A 124 11.63 29.55 -7.64
C GLN A 124 10.27 29.03 -7.21
N LEU A 125 9.97 29.22 -5.93
CA LEU A 125 8.67 28.87 -5.32
C LEU A 125 8.12 30.13 -4.69
N ALA A 126 6.86 30.45 -4.99
CA ALA A 126 6.26 31.69 -4.49
C ALA A 126 4.81 31.49 -4.06
N VAL A 127 4.38 32.31 -3.09
CA VAL A 127 3.00 32.38 -2.63
C VAL A 127 2.53 33.83 -2.59
N LEU A 128 1.22 34.01 -2.57
CA LEU A 128 0.58 35.33 -2.51
C LEU A 128 0.16 35.54 -1.09
N GLU A 129 0.66 36.59 -0.47
CA GLU A 129 0.44 36.85 0.96
C GLU A 129 0.22 38.35 1.13
N HIS A 130 -0.99 38.72 1.57
CA HIS A 130 -1.42 40.12 1.68
C HIS A 130 -1.30 40.88 0.36
N ASN A 131 -1.88 40.28 -0.68
CA ASN A 131 -1.75 40.72 -2.08
C ASN A 131 -0.33 41.14 -2.48
N GLU A 132 0.67 40.44 -1.95
CA GLU A 132 2.04 40.56 -2.44
C GLU A 132 2.73 39.19 -2.53
N VAL A 133 3.68 39.12 -3.46
CA VAL A 133 4.34 37.89 -3.82
C VAL A 133 5.54 37.68 -2.89
N LEU A 134 5.49 36.59 -2.14
CA LEU A 134 6.53 36.20 -1.22
C LEU A 134 7.23 34.99 -1.84
N PHE A 135 8.51 35.16 -2.18
CA PHE A 135 9.33 34.07 -2.69
C PHE A 135 9.87 33.30 -1.49
N LEU A 136 9.54 32.00 -1.42
CA LEU A 136 9.91 31.17 -0.29
C LEU A 136 11.23 30.44 -0.51
N GLU A 137 11.52 30.06 -1.75
CA GLU A 137 12.74 29.35 -2.13
C GLU A 137 13.18 29.74 -3.55
N ARG A 138 14.49 29.93 -3.73
CA ARG A 138 15.13 30.08 -5.03
C ARG A 138 16.38 29.22 -5.08
N LEU A 139 16.53 28.47 -6.18
CA LEU A 139 17.74 27.75 -6.49
C LEU A 139 18.36 28.35 -7.75
N SER A 140 19.69 28.46 -7.77
CA SER A 140 20.44 28.97 -8.93
C SER A 140 21.58 28.03 -9.30
N HIS A 141 21.63 27.64 -10.57
CA HIS A 141 22.66 26.74 -11.09
C HIS A 141 23.92 27.59 -11.31
N HIS A 142 25.06 27.07 -10.89
CA HIS A 142 26.37 27.69 -11.11
C HIS A 142 26.67 28.08 -12.58
N GLU A 143 26.16 27.30 -13.53
CA GLU A 143 26.25 27.57 -14.98
C GLU A 143 25.08 28.37 -15.61
N ALA A 144 24.15 28.86 -14.79
CA ALA A 144 23.04 29.65 -15.30
C ALA A 144 23.55 30.80 -16.18
N VAL A 145 23.00 30.93 -17.39
CA VAL A 145 23.25 32.06 -18.29
C VAL A 145 22.46 33.31 -17.86
N SER A 146 21.17 33.14 -17.58
CA SER A 146 20.37 34.25 -17.07
C SER A 146 20.77 34.64 -15.65
N ASN A 147 20.39 35.85 -15.27
CA ASN A 147 20.68 36.40 -13.94
C ASN A 147 19.39 36.71 -13.20
N LEU A 148 19.35 36.40 -11.91
CA LEU A 148 18.29 36.91 -11.06
C LEU A 148 18.55 38.37 -10.72
N ALA A 149 17.51 39.04 -10.22
CA ALA A 149 17.51 40.49 -9.92
C ALA A 149 18.56 40.98 -8.91
N LEU A 155 9.00 43.19 -4.64
CA LEU A 155 8.54 43.23 -6.03
C LEU A 155 7.00 43.16 -6.09
N PRO A 156 6.35 44.05 -6.90
CA PRO A 156 4.88 44.01 -6.96
C PRO A 156 4.31 42.77 -7.67
N VAL A 157 3.01 42.54 -7.47
CA VAL A 157 2.33 41.32 -7.97
C VAL A 157 2.38 41.21 -9.49
N HIS A 158 2.26 42.33 -10.17
CA HIS A 158 2.22 42.32 -11.62
C HIS A 158 3.62 42.22 -12.27
N ALA A 159 4.68 42.22 -11.46
CA ALA A 159 6.07 42.35 -11.94
C ALA A 159 6.92 41.04 -11.93
N SER A 160 6.28 39.89 -11.78
CA SER A 160 6.94 38.59 -11.97
C SER A 160 5.97 37.62 -12.59
N SER A 161 6.49 36.64 -13.32
CA SER A 161 5.65 35.54 -13.80
C SER A 161 4.87 34.90 -12.64
N SER A 162 5.52 34.70 -11.50
CA SER A 162 4.86 34.11 -10.31
C SER A 162 3.63 34.92 -9.87
N GLY A 163 3.82 36.22 -9.71
CA GLY A 163 2.72 37.11 -9.30
C GLY A 163 1.56 37.08 -10.26
N LEU A 164 1.86 37.08 -11.55
CA LEU A 164 0.86 36.97 -12.59
C LEU A 164 0.09 35.64 -12.52
N MET A 165 0.82 34.54 -12.36
CA MET A 165 0.16 33.24 -12.25
C MET A 165 -0.73 33.16 -11.02
N LEU A 166 -0.23 33.64 -9.88
CA LEU A 166 -0.99 33.66 -8.65
C LEU A 166 -2.20 34.59 -8.75
N LEU A 167 -1.99 35.77 -9.35
CA LEU A 167 -3.08 36.74 -9.55
C LEU A 167 -4.19 36.17 -10.40
N ALA A 168 -3.81 35.45 -11.45
CA ALA A 168 -4.78 34.77 -12.31
C ALA A 168 -5.71 33.83 -11.58
N HIS A 169 -5.28 33.28 -10.44
CA HIS A 169 -6.08 32.33 -9.65
C HIS A 169 -6.65 32.90 -8.36
N ALA A 170 -6.39 34.17 -8.09
CA ALA A 170 -6.99 34.84 -6.94
C ALA A 170 -8.45 35.17 -7.24
N GLY A 171 -9.20 35.52 -6.21
CA GLY A 171 -10.60 35.92 -6.39
C GLY A 171 -10.77 37.10 -7.36
N PRO A 172 -11.97 37.23 -7.99
CA PRO A 172 -12.28 38.39 -8.86
C PRO A 172 -12.00 39.75 -8.22
N GLU A 173 -12.34 39.88 -6.93
CA GLU A 173 -12.06 41.13 -6.17
C GLU A 173 -10.58 41.49 -6.20
N VAL A 174 -9.72 40.52 -5.87
CA VAL A 174 -8.28 40.77 -5.74
C VAL A 174 -7.69 41.27 -7.08
N ARG A 175 -8.14 40.69 -8.19
CA ARG A 175 -7.78 41.20 -9.54
C ARG A 175 -8.06 42.68 -9.71
N GLU A 176 -9.32 43.07 -9.49
CA GLU A 176 -9.76 44.46 -9.64
C GLU A 176 -9.01 45.34 -8.63
N GLU A 177 -9.06 44.90 -7.37
CA GLU A 177 -8.36 45.52 -6.23
C GLU A 177 -6.91 45.89 -6.53
N VAL A 178 -6.22 45.06 -7.32
CA VAL A 178 -4.80 45.28 -7.70
C VAL A 178 -4.65 46.09 -9.01
N LEU A 179 -5.55 45.88 -9.97
CA LEU A 179 -5.49 46.56 -11.28
C LEU A 179 -5.75 48.06 -11.23
N SER A 180 -6.68 48.48 -10.37
CA SER A 180 -6.97 49.91 -10.13
C SER A 180 -5.75 50.69 -9.62
N LYS A 181 -4.98 50.07 -8.71
CA LYS A 181 -3.86 50.72 -8.01
C LYS A 181 -2.62 50.84 -8.94
N PRO A 182 -1.42 51.23 -8.41
CA PRO A 182 -0.40 51.65 -9.38
C PRO A 182 0.31 50.48 -10.07
N LEU A 183 0.48 50.55 -11.39
CA LEU A 183 1.19 49.52 -12.17
C LEU A 183 2.48 50.08 -12.81
N PRO A 184 3.54 50.31 -12.03
CA PRO A 184 4.81 50.78 -12.64
C PRO A 184 5.44 49.76 -13.55
N ARG A 185 5.99 50.18 -14.70
CA ARG A 185 6.74 49.27 -15.56
C ARG A 185 8.10 49.05 -14.86
N VAL A 186 8.11 48.06 -13.97
CA VAL A 186 9.20 47.83 -13.01
C VAL A 186 10.47 47.36 -13.73
N GLY A 187 10.33 46.51 -14.74
CA GLY A 187 11.44 46.16 -15.64
C GLY A 187 11.18 46.70 -17.05
N PRO A 188 12.08 46.38 -18.02
CA PRO A 188 11.93 46.76 -19.44
C PRO A 188 10.66 46.22 -20.11
N GLY A 189 10.42 44.91 -19.95
CA GLY A 189 9.29 44.22 -20.60
C GLY A 189 8.00 44.10 -19.81
N THR A 190 7.89 44.82 -18.69
CA THR A 190 6.77 44.65 -17.77
C THR A 190 5.48 45.22 -18.35
N VAL A 191 4.51 44.34 -18.62
CA VAL A 191 3.18 44.74 -19.09
C VAL A 191 2.43 45.44 -17.96
N THR A 192 2.03 46.68 -18.20
CA THR A 192 1.27 47.47 -17.21
C THR A 192 0.22 48.36 -17.86
N ASP A 193 -0.61 47.76 -18.69
CA ASP A 193 -1.84 48.35 -19.13
C ASP A 193 -2.94 47.48 -18.51
N PRO A 194 -3.81 48.06 -17.64
CA PRO A 194 -4.91 47.30 -16.99
C PRO A 194 -5.64 46.28 -17.89
N GLU A 195 -5.86 46.64 -19.16
CA GLU A 195 -6.54 45.77 -20.12
C GLU A 195 -5.63 44.71 -20.72
N ALA A 196 -4.36 45.03 -20.97
CA ALA A 196 -3.36 44.03 -21.35
C ALA A 196 -3.23 42.95 -20.26
N LEU A 197 -3.32 43.37 -18.99
CA LEU A 197 -3.26 42.45 -17.85
C LEU A 197 -4.45 41.51 -17.78
N ARG A 198 -5.66 42.01 -18.01
CA ARG A 198 -6.88 41.15 -18.00
C ARG A 198 -6.80 40.00 -19.02
N ARG A 199 -6.33 40.31 -20.23
CA ARG A 199 -6.11 39.30 -21.28
C ARG A 199 -4.97 38.35 -20.92
N LEU A 200 -3.88 38.91 -20.39
CA LEU A 200 -2.74 38.13 -19.93
C LEU A 200 -3.15 37.15 -18.82
N LEU A 201 -3.83 37.68 -17.81
CA LEU A 201 -4.32 36.86 -16.68
C LEU A 201 -5.33 35.81 -17.07
N ALA A 202 -6.28 36.18 -17.93
CA ALA A 202 -7.27 35.22 -18.41
C ALA A 202 -6.62 34.07 -19.20
N ASN A 203 -5.69 34.39 -20.08
CA ASN A 203 -4.92 33.34 -20.82
C ASN A 203 -4.10 32.42 -19.89
N ALA A 204 -3.46 33.01 -18.89
CA ALA A 204 -2.69 32.24 -17.90
C ALA A 204 -3.59 31.27 -17.13
N TYR A 205 -4.80 31.73 -16.82
CA TYR A 205 -5.76 30.94 -16.10
C TYR A 205 -6.19 29.72 -16.90
N ARG A 206 -6.47 29.91 -18.19
CA ARG A 206 -6.89 28.80 -19.07
C ARG A 206 -5.72 27.87 -19.36
N ALA A 207 -4.57 28.45 -19.69
CA ALA A 207 -3.42 27.70 -20.21
C ALA A 207 -2.57 26.97 -19.16
N GLY A 208 -2.61 27.41 -17.90
CA GLY A 208 -1.79 26.80 -16.83
C GLY A 208 -0.32 27.21 -16.85
N TYR A 209 0.00 28.31 -17.52
CA TYR A 209 1.33 28.92 -17.45
C TYR A 209 1.24 30.37 -17.88
N VAL A 210 2.24 31.15 -17.50
CA VAL A 210 2.43 32.49 -18.02
C VAL A 210 3.91 32.71 -18.24
N ALA A 211 4.24 33.46 -19.29
CA ALA A 211 5.60 33.88 -19.56
C ALA A 211 5.69 35.38 -19.36
N ALA A 212 6.88 35.84 -18.97
CA ALA A 212 7.11 37.23 -18.66
C ALA A 212 8.45 37.71 -19.27
N PRO A 213 8.51 37.88 -20.60
CA PRO A 213 9.75 38.33 -21.26
C PRO A 213 10.20 39.69 -20.78
N GLY A 214 11.46 39.81 -20.41
CA GLY A 214 12.07 41.08 -20.03
C GLY A 214 11.56 41.77 -18.77
N TYR A 215 10.90 41.02 -17.88
CA TYR A 215 10.34 41.63 -16.66
C TYR A 215 11.39 42.04 -15.64
N ILE A 216 12.56 41.40 -15.72
CA ILE A 216 13.68 41.69 -14.82
C ILE A 216 14.95 42.09 -15.57
N GLU A 217 15.30 41.35 -16.63
CA GLU A 217 16.29 41.80 -17.62
C GLU A 217 15.73 41.49 -19.01
N ALA A 218 15.88 42.42 -19.96
CA ALA A 218 15.42 42.22 -21.35
C ALA A 218 15.93 40.92 -21.98
N VAL A 219 17.15 40.54 -21.61
CA VAL A 219 17.78 39.26 -22.02
C VAL A 219 17.22 37.98 -21.29
N ALA A 220 16.26 38.15 -20.38
CA ALA A 220 15.73 37.03 -19.56
C ALA A 220 14.22 36.97 -19.56
N THR A 221 13.68 35.76 -19.43
CA THR A 221 12.24 35.55 -19.34
C THR A 221 11.90 34.69 -18.13
N GLY A 222 10.72 34.91 -17.58
CA GLY A 222 10.23 34.19 -16.42
C GLY A 222 9.07 33.33 -16.88
N ILE A 223 8.93 32.15 -16.31
CA ILE A 223 7.86 31.22 -16.69
C ILE A 223 7.33 30.64 -15.38
N ALA A 224 6.03 30.71 -15.18
CA ALA A 224 5.42 30.19 -13.95
C ALA A 224 4.24 29.27 -14.24
N VAL A 225 4.06 28.27 -13.38
CA VAL A 225 2.93 27.37 -13.41
C VAL A 225 2.36 27.33 -12.00
N PRO A 226 1.07 26.99 -11.86
CA PRO A 226 0.48 26.86 -10.53
C PRO A 226 0.78 25.52 -9.87
N ILE A 227 0.81 25.55 -8.55
CA ILE A 227 0.85 24.36 -7.73
C ILE A 227 -0.48 24.33 -7.03
N ARG A 228 -1.18 23.22 -7.20
CA ARG A 228 -2.45 22.99 -6.53
C ARG A 228 -2.29 22.10 -5.31
N SER A 229 -3.21 22.28 -4.37
CA SER A 229 -3.35 21.39 -3.22
C SER A 229 -4.80 21.46 -2.78
N GLU A 230 -5.44 20.29 -2.64
CA GLU A 230 -6.87 20.20 -2.29
C GLU A 230 -7.79 21.03 -3.17
N GLY A 231 -7.51 21.07 -4.47
CA GLY A 231 -8.39 21.78 -5.40
C GLY A 231 -8.15 23.27 -5.58
N VAL A 232 -7.17 23.83 -4.87
CA VAL A 232 -6.89 25.28 -4.94
C VAL A 232 -5.41 25.52 -5.28
N VAL A 233 -5.17 26.61 -6.01
CA VAL A 233 -3.83 27.05 -6.29
C VAL A 233 -3.27 27.70 -5.03
N ILE A 234 -2.20 27.13 -4.48
CA ILE A 234 -1.62 27.61 -3.23
C ILE A 234 -0.24 28.26 -3.41
N ALA A 235 0.32 28.15 -4.62
CA ALA A 235 1.70 28.58 -4.87
C ALA A 235 1.96 28.56 -6.35
N ALA A 236 3.08 29.14 -6.75
CA ALA A 236 3.54 29.12 -8.13
C ALA A 236 4.97 28.64 -8.14
N LEU A 237 5.30 27.80 -9.12
CA LEU A 237 6.65 27.33 -9.37
C LEU A 237 7.12 27.95 -10.66
N SER A 238 8.32 28.53 -10.63
CA SER A 238 8.77 29.32 -11.78
C SER A 238 10.21 29.07 -12.14
N ALA A 239 10.52 29.46 -13.37
CA ALA A 239 11.89 29.42 -13.86
C ALA A 239 12.24 30.80 -14.36
N VAL A 240 13.52 31.16 -14.27
CA VAL A 240 14.08 32.26 -15.04
C VAL A 240 15.10 31.61 -15.96
N GLN A 241 15.07 32.00 -17.23
CA GLN A 241 16.01 31.50 -18.24
C GLN A 241 16.24 32.59 -19.31
N PRO A 242 17.18 32.36 -20.25
CA PRO A 242 17.37 33.38 -21.31
C PRO A 242 16.15 33.51 -22.22
N LEU A 243 15.90 34.73 -22.67
CA LEU A 243 14.75 35.05 -23.57
C LEU A 243 14.69 34.15 -24.82
N GLN A 244 15.85 33.90 -25.40
CA GLN A 244 15.96 33.12 -26.66
C GLN A 244 15.65 31.61 -26.50
N ASN A 245 15.72 31.09 -25.27
CA ASN A 245 15.52 29.65 -25.01
C ASN A 245 14.06 29.30 -25.27
N ALA A 246 13.82 28.05 -25.65
CA ALA A 246 12.46 27.59 -25.88
C ALA A 246 11.66 27.59 -24.56
N VAL A 247 10.43 28.10 -24.63
CA VAL A 247 9.56 28.21 -23.45
C VAL A 247 8.86 26.89 -23.12
N GLU A 248 8.29 26.22 -24.13
CA GLU A 248 7.42 25.05 -23.90
C GLU A 248 8.09 23.86 -23.16
N PRO A 249 9.37 23.56 -23.45
CA PRO A 249 10.05 22.52 -22.67
C PRO A 249 10.15 22.83 -21.17
N THR A 250 10.36 24.09 -20.82
CA THR A 250 10.40 24.50 -19.42
C THR A 250 9.02 24.46 -18.76
N VAL A 251 7.98 24.84 -19.50
CA VAL A 251 6.61 24.71 -18.99
C VAL A 251 6.35 23.27 -18.61
N GLU A 252 6.72 22.32 -19.47
CA GLU A 252 6.53 20.87 -19.17
C GLU A 252 7.29 20.39 -17.95
N ILE A 253 8.53 20.82 -17.82
CA ILE A 253 9.33 20.42 -16.67
C ILE A 253 8.73 20.98 -15.37
N LEU A 254 8.36 22.26 -15.36
CA LEU A 254 7.70 22.88 -14.21
C LEU A 254 6.35 22.24 -13.83
N ARG A 255 5.53 21.92 -14.84
CA ARG A 255 4.28 21.19 -14.61
C ARG A 255 4.47 19.86 -13.93
N GLU A 256 5.38 19.06 -14.47
CA GLU A 256 5.71 17.78 -13.88
C GLU A 256 6.11 17.96 -12.43
N ALA A 257 6.95 18.96 -12.15
CA ALA A 257 7.40 19.22 -10.80
C ALA A 257 6.23 19.69 -9.91
N ALA A 258 5.33 20.50 -10.45
CA ALA A 258 4.17 21.00 -9.69
C ALA A 258 3.19 19.88 -9.33
N VAL A 259 3.00 18.95 -10.27
CA VAL A 259 2.26 17.72 -10.07
C VAL A 259 2.93 16.87 -8.97
N GLY A 260 4.25 16.75 -9.00
CA GLY A 260 4.94 15.99 -7.96
C GLY A 260 4.82 16.62 -6.57
N ILE A 261 4.89 17.95 -6.50
CA ILE A 261 4.74 18.64 -5.23
C ILE A 261 3.34 18.36 -4.65
N GLU A 262 2.32 18.51 -5.50
CA GLU A 262 0.95 18.23 -5.09
C GLU A 262 0.80 16.80 -4.58
N THR A 263 1.35 15.85 -5.33
CA THR A 263 1.25 14.43 -4.98
C THR A 263 1.84 14.17 -3.61
N ASP A 264 3.04 14.70 -3.36
CA ASP A 264 3.71 14.49 -2.08
C ASP A 264 3.00 15.19 -0.95
N LEU A 265 2.48 16.41 -1.17
CA LEU A 265 1.70 17.10 -0.14
C LEU A 265 0.43 16.33 0.22
N ARG A 266 -0.23 15.76 -0.79
CA ARG A 266 -1.50 15.10 -0.60
C ARG A 266 -1.32 13.72 0.00
N ALA A 267 -0.32 12.98 -0.46
CA ALA A 267 -0.08 11.62 -0.04
C ALA A 267 0.63 11.52 1.29
N SER A 268 1.41 12.53 1.67
CA SER A 268 2.19 12.46 2.92
C SER A 268 1.28 12.53 4.12
N ARG A 269 1.65 11.80 5.15
CA ARG A 269 0.89 11.69 6.38
C ARG A 269 1.67 12.16 7.64
N TRP A 270 3.00 12.27 7.52
CA TRP A 270 3.88 12.82 8.55
C TRP A 270 5.21 13.27 7.90
N ASP B 28 13.02 31.48 33.40
CA ASP B 28 13.64 32.43 32.41
C ASP B 28 15.05 31.97 31.96
N SER B 29 15.20 30.67 31.71
CA SER B 29 16.41 30.06 31.14
C SER B 29 16.53 30.42 29.64
N MET B 30 17.71 30.19 29.03
CA MET B 30 17.84 30.42 27.58
C MET B 30 16.77 29.61 26.82
N LEU B 31 16.66 28.32 27.15
CA LEU B 31 15.77 27.43 26.42
C LEU B 31 14.29 27.77 26.66
N ALA B 32 13.94 28.12 27.89
CA ALA B 32 12.57 28.57 28.19
C ALA B 32 12.23 29.83 27.37
N ARG B 33 13.21 30.73 27.23
CA ARG B 33 13.00 31.93 26.43
C ARG B 33 12.79 31.62 24.95
N VAL B 34 13.64 30.77 24.39
CA VAL B 34 13.49 30.30 23.00
C VAL B 34 12.08 29.77 22.74
N VAL B 35 11.58 28.96 23.68
CA VAL B 35 10.25 28.36 23.55
C VAL B 35 9.15 29.43 23.58
N ARG B 36 9.30 30.40 24.46
CA ARG B 36 8.31 31.46 24.52
C ARG B 36 8.30 32.26 23.23
N VAL B 37 9.46 32.46 22.62
CA VAL B 37 9.49 33.15 21.33
C VAL B 37 8.75 32.32 20.27
N LEU B 38 9.03 31.02 20.20
CA LEU B 38 8.33 30.17 19.23
C LEU B 38 6.80 30.22 19.39
N GLU B 39 6.34 30.26 20.65
CA GLU B 39 4.91 30.30 20.96
C GLU B 39 4.15 31.58 20.63
N THR B 40 4.89 32.65 20.33
CA THR B 40 4.30 33.88 19.82
C THR B 40 3.82 33.67 18.40
N PHE B 41 4.41 32.72 17.66
CA PHE B 41 3.92 32.36 16.33
C PHE B 41 2.71 31.44 16.39
N ASN B 42 1.87 31.53 15.36
CA ASN B 42 0.73 30.63 15.15
C ASN B 42 0.33 30.68 13.69
N VAL B 43 -0.63 29.85 13.31
CA VAL B 43 -1.18 29.79 11.93
C VAL B 43 -1.55 31.17 11.37
N ASP B 44 -2.04 32.06 12.24
CA ASP B 44 -2.42 33.44 11.84
C ASP B 44 -1.29 34.47 11.94
N ARG B 45 -0.32 34.24 12.82
CA ARG B 45 0.87 35.11 12.97
C ARG B 45 2.12 34.40 12.48
N THR B 46 2.46 34.56 11.21
CA THR B 46 3.60 33.87 10.61
C THR B 46 4.87 34.73 10.49
N ALA B 47 4.75 36.05 10.61
CA ALA B 47 5.88 36.94 10.48
C ALA B 47 5.78 38.11 11.47
N GLN B 48 6.80 38.28 12.32
CA GLN B 48 6.83 39.32 13.35
C GLN B 48 8.21 40.00 13.41
N THR B 49 8.23 41.21 13.97
CA THR B 49 9.48 41.90 14.28
C THR B 49 9.94 41.42 15.64
N ALA B 50 11.20 41.65 15.96
CA ALA B 50 11.80 41.26 17.24
C ALA B 50 11.16 42.04 18.41
N SER B 51 10.72 43.26 18.11
CA SER B 51 10.04 44.11 19.10
C SER B 51 8.70 43.55 19.47
N ASP B 52 7.89 43.25 18.46
CA ASP B 52 6.59 42.63 18.68
C ASP B 52 6.74 41.32 19.44
N ILE B 53 7.75 40.51 19.10
CA ILE B 53 8.04 39.27 19.82
C ILE B 53 8.34 39.51 21.30
N GLY B 54 9.16 40.51 21.61
CA GLY B 54 9.47 40.90 22.99
C GLY B 54 8.23 41.21 23.84
N ARG B 55 7.31 41.97 23.28
CA ARG B 55 6.03 42.25 23.95
C ARG B 55 5.19 40.99 24.14
N ARG B 56 4.97 40.24 23.06
CA ARG B 56 4.08 39.09 23.12
C ARG B 56 4.62 37.96 24.02
N ALA B 57 5.94 37.82 24.10
CA ALA B 57 6.55 36.83 25.00
C ALA B 57 6.99 37.42 26.35
N ALA B 58 6.52 38.62 26.69
CA ALA B 58 6.91 39.33 27.93
C ALA B 58 8.43 39.33 28.16
N LEU B 59 9.20 39.55 27.11
CA LEU B 59 10.65 39.66 27.23
C LEU B 59 11.05 41.13 27.15
N PRO B 60 12.08 41.55 27.91
CA PRO B 60 12.62 42.89 27.67
C PRO B 60 13.23 42.96 26.28
N SER B 61 13.12 44.11 25.63
CA SER B 61 13.43 44.21 24.20
C SER B 61 14.92 43.91 23.88
N SER B 62 15.84 44.22 24.81
CA SER B 62 17.24 43.81 24.64
C SER B 62 17.38 42.28 24.61
N THR B 63 16.73 41.61 25.57
CA THR B 63 16.72 40.15 25.64
C THR B 63 16.09 39.58 24.37
N ALA B 64 14.93 40.09 23.96
CA ALA B 64 14.26 39.67 22.72
C ALA B 64 15.15 39.73 21.47
N HIS B 65 15.85 40.86 21.27
CA HIS B 65 16.71 41.00 20.08
C HIS B 65 17.85 39.99 20.06
N ARG B 66 18.44 39.73 21.22
CA ARG B 66 19.53 38.75 21.40
C ARG B 66 19.01 37.32 21.18
N VAL B 67 17.93 36.97 21.86
CA VAL B 67 17.31 35.63 21.76
C VAL B 67 16.90 35.36 20.32
N VAL B 68 16.17 36.30 19.72
CA VAL B 68 15.72 36.14 18.33
C VAL B 68 16.92 35.96 17.41
N ASP B 69 17.98 36.75 17.63
CA ASP B 69 19.18 36.65 16.82
C ASP B 69 19.87 35.28 16.91
N GLU B 70 19.96 34.72 18.11
CA GLU B 70 20.54 33.37 18.28
C GLU B 70 19.70 32.31 17.56
N MET B 71 18.38 32.44 17.64
CA MET B 71 17.48 31.52 16.96
C MET B 71 17.60 31.64 15.43
N VAL B 72 17.83 32.86 14.93
CA VAL B 72 18.06 33.07 13.51
C VAL B 72 19.37 32.40 13.12
N LEU B 73 20.39 32.55 13.96
CA LEU B 73 21.72 32.01 13.63
C LEU B 73 21.74 30.48 13.50
N VAL B 74 20.98 29.75 14.33
CA VAL B 74 20.89 28.29 14.15
C VAL B 74 19.83 27.84 13.14
N GLY B 75 19.06 28.77 12.57
CA GLY B 75 18.05 28.43 11.57
C GLY B 75 16.65 28.09 12.09
N ILE B 76 16.45 28.11 13.41
CA ILE B 76 15.11 27.90 14.04
C ILE B 76 14.16 29.02 13.59
N LEU B 77 14.71 30.22 13.39
CA LEU B 77 14.01 31.35 12.78
C LEU B 77 14.77 31.78 11.53
N GLU B 78 14.06 32.41 10.60
CA GLU B 78 14.70 33.00 9.42
C GLU B 78 14.29 34.45 9.35
N ARG B 79 15.27 35.34 9.21
CA ARG B 79 15.00 36.77 9.11
C ARG B 79 14.94 37.17 7.63
N GLY B 80 13.82 37.75 7.24
CA GLY B 80 13.62 38.22 5.88
C GLY B 80 14.32 39.55 5.63
N ILE B 81 14.35 39.92 4.36
CA ILE B 81 15.14 41.08 3.87
C ILE B 81 14.53 42.35 4.46
N ASP B 82 13.20 42.34 4.52
CA ASP B 82 12.40 43.39 5.15
C ASP B 82 12.25 43.25 6.68
N GLY B 83 13.35 42.90 7.37
CA GLY B 83 13.39 42.91 8.82
C GLY B 83 12.66 41.81 9.59
N LYS B 84 11.60 41.25 9.02
CA LYS B 84 10.71 40.35 9.76
C LYS B 84 11.24 38.92 9.93
N VAL B 85 10.84 38.30 11.04
CA VAL B 85 11.27 36.98 11.42
C VAL B 85 10.10 35.97 11.28
N ARG B 86 10.41 34.78 10.75
CA ARG B 86 9.46 33.69 10.56
C ARG B 86 10.07 32.40 11.10
N LEU B 87 9.19 31.43 11.37
CA LEU B 87 9.63 30.09 11.76
C LEU B 87 10.45 29.50 10.63
N GLY B 88 11.59 28.89 10.97
CA GLY B 88 12.58 28.45 9.99
C GLY B 88 12.59 26.99 9.63
N MET B 89 13.13 26.71 8.45
CA MET B 89 13.23 25.34 7.93
C MET B 89 13.88 24.38 8.91
N ARG B 90 14.88 24.85 9.64
CA ARG B 90 15.55 23.95 10.55
C ARG B 90 14.64 23.42 11.67
N LEU B 91 13.71 24.24 12.16
CA LEU B 91 12.72 23.79 13.15
C LEU B 91 11.90 22.67 12.58
N TRP B 92 11.44 22.86 11.35
CA TRP B 92 10.62 21.87 10.68
C TRP B 92 11.41 20.56 10.55
N GLU B 93 12.64 20.66 10.06
CA GLU B 93 13.49 19.48 9.83
C GLU B 93 13.86 18.72 11.08
N LEU B 94 14.05 19.45 12.17
CA LEU B 94 14.28 18.80 13.46
C LEU B 94 13.04 18.01 13.92
N ALA B 95 11.87 18.59 13.76
CA ALA B 95 10.61 17.90 14.09
C ALA B 95 10.43 16.64 13.23
N LEU B 96 10.79 16.72 11.96
CA LEU B 96 10.72 15.56 11.04
C LEU B 96 11.63 14.39 11.44
N ARG B 97 12.55 14.61 12.36
CA ARG B 97 13.31 13.49 12.91
C ARG B 97 12.47 12.52 13.74
N GLY B 98 11.25 12.90 14.14
CA GLY B 98 10.35 11.98 14.80
C GLY B 98 8.90 12.13 14.40
N SER B 99 8.66 12.58 13.16
CA SER B 99 7.31 13.04 12.79
C SER B 99 6.23 11.91 12.73
N MET B 100 6.61 10.68 12.36
CA MET B 100 5.62 9.58 12.35
C MET B 100 5.05 9.35 13.74
N ALA B 101 5.92 9.07 14.70
CA ALA B 101 5.55 8.85 16.09
C ALA B 101 4.70 9.99 16.65
N LEU B 102 5.15 11.21 16.38
CA LEU B 102 4.51 12.39 16.98
C LEU B 102 3.12 12.64 16.40
N ARG B 103 3.00 12.54 15.09
CA ARG B 103 1.72 12.78 14.45
C ARG B 103 0.70 11.67 14.78
N LEU B 104 1.17 10.43 14.82
CA LEU B 104 0.36 9.28 15.25
C LEU B 104 -0.19 9.49 16.63
N ARG B 105 0.67 9.87 17.55
CA ARG B 105 0.23 10.15 18.92
C ARG B 105 -0.85 11.23 18.99
N GLN B 106 -0.63 12.31 18.25
CA GLN B 106 -1.56 13.42 18.21
C GLN B 106 -2.92 13.00 17.67
N VAL B 107 -2.91 12.32 16.55
CA VAL B 107 -4.13 11.87 15.91
C VAL B 107 -4.82 10.79 16.73
N ALA B 108 -4.03 9.88 17.31
CA ALA B 108 -4.60 8.74 18.07
C ALA B 108 -5.26 9.13 19.38
N LEU B 109 -4.69 10.12 20.07
CA LEU B 109 -5.07 10.40 21.47
C LEU B 109 -6.58 10.57 21.72
N PRO B 110 -7.29 11.41 20.93
CA PRO B 110 -8.76 11.49 21.11
C PRO B 110 -9.49 10.16 20.92
N HIS B 111 -9.04 9.33 19.98
CA HIS B 111 -9.65 8.00 19.82
C HIS B 111 -9.31 7.07 21.03
N MET B 112 -8.10 7.18 21.56
CA MET B 112 -7.70 6.39 22.72
C MET B 112 -8.52 6.78 23.97
N GLU B 113 -8.80 8.07 24.13
CA GLU B 113 -9.65 8.60 25.25
C GLU B 113 -11.04 8.04 25.23
N ARG B 114 -11.63 7.94 24.03
CA ARG B 114 -12.95 7.33 23.88
C ARG B 114 -12.92 5.83 24.23
N VAL B 115 -11.86 5.11 23.82
CA VAL B 115 -11.73 3.71 24.26
C VAL B 115 -11.74 3.65 25.81
N GLN B 116 -10.96 4.53 26.45
CA GLN B 116 -10.92 4.60 27.92
C GLN B 116 -12.28 4.80 28.58
N GLN B 117 -13.09 5.69 28.02
CA GLN B 117 -14.45 5.92 28.55
C GLN B 117 -15.32 4.67 28.50
N ARG B 118 -15.21 3.88 27.44
CA ARG B 118 -16.05 2.70 27.25
C ARG B 118 -15.53 1.45 27.97
N VAL B 119 -14.22 1.24 27.95
CA VAL B 119 -13.63 0.02 28.51
C VAL B 119 -13.19 0.23 29.93
N ARG B 120 -12.64 1.41 30.24
CA ARG B 120 -12.26 1.80 31.61
C ARG B 120 -11.12 0.95 32.21
N GLU B 121 -10.18 0.56 31.35
CA GLU B 121 -9.01 -0.16 31.79
C GLU B 121 -7.78 0.57 31.24
N HIS B 122 -7.02 -0.04 30.33
CA HIS B 122 -5.86 0.62 29.73
C HIS B 122 -5.92 0.54 28.22
N THR B 123 -5.50 1.63 27.56
CA THR B 123 -5.39 1.71 26.10
C THR B 123 -3.97 2.16 25.78
N GLN B 124 -3.33 1.49 24.82
CA GLN B 124 -1.94 1.79 24.45
C GLN B 124 -1.76 1.93 22.92
N LEU B 125 -0.64 2.56 22.55
CA LEU B 125 -0.25 2.74 21.16
C LEU B 125 1.20 2.35 21.04
N ALA B 126 1.52 1.56 20.02
CA ALA B 126 2.88 1.08 19.86
C ALA B 126 3.29 0.95 18.42
N VAL B 127 4.61 0.99 18.21
CA VAL B 127 5.22 0.85 16.90
C VAL B 127 6.38 -0.12 17.00
N LEU B 128 6.83 -0.58 15.84
CA LEU B 128 7.93 -1.54 15.70
C LEU B 128 9.14 -0.79 15.13
N GLU B 129 10.26 -0.79 15.83
CA GLU B 129 11.48 -0.14 15.36
C GLU B 129 12.64 -1.12 15.48
N HIS B 130 13.22 -1.49 14.35
CA HIS B 130 14.30 -2.49 14.32
C HIS B 130 13.86 -3.77 15.09
N ASN B 131 12.64 -4.21 14.81
CA ASN B 131 12.01 -5.38 15.46
C ASN B 131 11.92 -5.29 16.99
N GLU B 132 11.92 -4.08 17.56
CA GLU B 132 11.59 -3.87 18.97
C GLU B 132 10.29 -3.11 19.09
N VAL B 133 9.54 -3.39 20.14
CA VAL B 133 8.25 -2.73 20.35
C VAL B 133 8.43 -1.51 21.22
N LEU B 134 8.08 -0.35 20.67
CA LEU B 134 8.14 0.90 21.41
C LEU B 134 6.72 1.35 21.70
N PHE B 135 6.42 1.60 22.97
CA PHE B 135 5.13 2.10 23.36
C PHE B 135 5.17 3.64 23.33
N LEU B 136 4.24 4.25 22.60
CA LEU B 136 4.18 5.69 22.45
C LEU B 136 3.25 6.35 23.46
N GLU B 137 2.18 5.66 23.84
CA GLU B 137 1.23 6.19 24.83
C GLU B 137 0.63 5.04 25.58
N ARG B 138 0.34 5.24 26.87
CA ARG B 138 -0.40 4.30 27.67
C ARG B 138 -1.35 5.07 28.56
N LEU B 139 -2.67 4.98 28.32
CA LEU B 139 -3.65 5.60 29.19
C LEU B 139 -4.24 4.57 30.15
N SER B 140 -4.43 4.97 31.41
CA SER B 140 -5.00 4.13 32.47
C SER B 140 -6.19 4.80 33.17
N HIS B 141 -7.29 4.08 33.30
CA HIS B 141 -8.47 4.61 33.95
C HIS B 141 -8.32 4.43 35.46
N HIS B 142 -8.73 5.44 36.23
CA HIS B 142 -8.63 5.36 37.71
C HIS B 142 -9.33 4.14 38.32
N GLU B 143 -10.46 3.72 37.73
CA GLU B 143 -11.18 2.47 38.10
C GLU B 143 -10.71 1.15 37.42
N ALA B 144 -9.55 1.17 36.76
CA ALA B 144 -9.01 -0.05 36.14
C ALA B 144 -8.81 -1.15 37.18
N VAL B 145 -9.36 -2.33 36.88
CA VAL B 145 -9.13 -3.56 37.65
C VAL B 145 -7.76 -4.19 37.33
N SER B 146 -7.40 -4.32 36.04
CA SER B 146 -6.11 -4.90 35.68
C SER B 146 -5.00 -3.89 35.98
N ASN B 147 -3.78 -4.40 36.08
CA ASN B 147 -2.60 -3.57 36.35
C ASN B 147 -1.57 -3.69 35.25
N LEU B 148 -1.02 -2.55 34.87
CA LEU B 148 0.07 -2.45 33.91
C LEU B 148 1.40 -2.63 34.65
N ALA B 149 2.43 -3.10 33.95
CA ALA B 149 3.80 -3.04 34.46
C ALA B 149 4.25 -1.56 34.55
N ARG B 150 4.67 -1.13 35.74
CA ARG B 150 5.12 0.25 36.01
C ARG B 150 6.66 0.40 36.21
N VAL B 151 7.40 -0.59 35.71
CA VAL B 151 8.88 -0.62 35.75
C VAL B 151 9.42 -0.25 34.36
N ALA B 152 10.45 0.58 34.33
CA ALA B 152 11.15 0.93 33.08
C ALA B 152 11.83 -0.32 32.45
N GLY B 153 11.67 -0.46 31.15
CA GLY B 153 12.22 -1.61 30.43
C GLY B 153 11.52 -1.77 29.10
N ARG B 154 11.80 -2.88 28.44
CA ARG B 154 11.21 -3.17 27.13
C ARG B 154 11.03 -4.67 26.96
N LEU B 155 9.78 -5.09 26.84
CA LEU B 155 9.44 -6.48 26.53
C LEU B 155 9.90 -6.83 25.12
N PRO B 156 10.35 -8.08 24.89
CA PRO B 156 10.63 -8.45 23.50
C PRO B 156 9.35 -8.52 22.65
N VAL B 157 9.53 -8.60 21.35
CA VAL B 157 8.46 -8.56 20.37
C VAL B 157 7.40 -9.68 20.56
N HIS B 158 7.83 -10.89 20.95
CA HIS B 158 6.88 -11.98 21.17
C HIS B 158 6.10 -11.88 22.50
N ALA B 159 6.43 -10.91 23.34
CA ALA B 159 5.95 -10.89 24.71
C ALA B 159 4.85 -9.84 24.98
N SER B 160 4.20 -9.30 23.95
CA SER B 160 3.06 -8.40 24.15
C SER B 160 2.10 -8.57 22.98
N SER B 161 0.85 -8.19 23.19
CA SER B 161 -0.12 -8.27 22.09
C SER B 161 0.28 -7.34 20.96
N SER B 162 0.80 -6.16 21.31
CA SER B 162 1.25 -5.18 20.31
C SER B 162 2.37 -5.79 19.44
N GLY B 163 3.34 -6.40 20.10
CA GLY B 163 4.46 -7.02 19.41
C GLY B 163 4.03 -8.11 18.49
N LEU B 164 3.13 -8.98 18.95
CA LEU B 164 2.58 -10.04 18.11
C LEU B 164 1.80 -9.47 16.91
N MET B 165 0.97 -8.44 17.12
CA MET B 165 0.21 -7.85 16.01
C MET B 165 1.18 -7.26 14.95
N LEU B 166 2.17 -6.52 15.43
CA LEU B 166 3.14 -5.88 14.56
C LEU B 166 3.97 -6.93 13.83
N LEU B 167 4.42 -7.95 14.55
CA LEU B 167 5.16 -9.04 13.95
C LEU B 167 4.36 -9.79 12.89
N ALA B 168 3.06 -9.95 13.14
CA ALA B 168 2.15 -10.62 12.20
C ALA B 168 2.12 -9.96 10.82
N HIS B 169 2.38 -8.66 10.75
CA HIS B 169 2.37 -7.90 9.52
C HIS B 169 3.75 -7.60 8.98
N ALA B 170 4.78 -8.07 9.68
CA ALA B 170 6.15 -7.78 9.29
C ALA B 170 6.63 -8.66 8.12
N GLY B 171 5.91 -9.72 7.79
CA GLY B 171 6.29 -10.54 6.65
C GLY B 171 7.09 -11.75 7.08
N PRO B 172 7.10 -12.81 6.22
CA PRO B 172 7.68 -14.10 6.63
C PRO B 172 9.15 -14.06 7.00
N GLU B 173 9.91 -13.20 6.32
CA GLU B 173 11.35 -13.10 6.55
C GLU B 173 11.65 -12.66 7.98
N VAL B 174 11.03 -11.56 8.38
CA VAL B 174 11.15 -11.03 9.76
C VAL B 174 10.65 -12.07 10.77
N ARG B 175 9.54 -12.74 10.48
CA ARG B 175 9.02 -13.76 11.41
C ARG B 175 10.07 -14.83 11.69
N GLU B 176 10.64 -15.39 10.62
CA GLU B 176 11.59 -16.48 10.76
C GLU B 176 12.89 -16.02 11.41
N GLU B 177 13.31 -14.78 11.16
CA GLU B 177 14.42 -14.17 11.92
C GLU B 177 14.12 -14.20 13.42
N VAL B 178 12.95 -13.71 13.81
CA VAL B 178 12.58 -13.63 15.23
C VAL B 178 12.51 -15.01 15.82
N LEU B 179 11.96 -15.97 15.07
CA LEU B 179 11.84 -17.33 15.56
C LEU B 179 13.15 -18.16 15.59
N SER B 180 14.21 -17.70 14.93
CA SER B 180 15.54 -18.30 15.11
C SER B 180 16.23 -17.82 16.39
N LYS B 181 15.77 -16.71 16.99
CA LYS B 181 16.37 -16.05 18.16
C LYS B 181 15.73 -16.52 19.49
N PRO B 182 16.33 -16.11 20.65
CA PRO B 182 15.76 -16.62 21.92
C PRO B 182 14.30 -16.19 22.14
N LEU B 183 13.45 -17.12 22.56
CA LEU B 183 12.08 -16.81 22.91
C LEU B 183 11.82 -17.13 24.39
N PRO B 184 12.27 -16.24 25.28
CA PRO B 184 12.05 -16.49 26.70
C PRO B 184 10.58 -16.44 27.09
N ARG B 185 10.20 -17.30 28.00
CA ARG B 185 8.86 -17.29 28.54
C ARG B 185 8.78 -16.25 29.64
N VAL B 186 8.55 -15.01 29.24
CA VAL B 186 8.69 -13.86 30.14
C VAL B 186 7.65 -13.88 31.25
N GLY B 187 6.41 -14.17 30.90
CA GLY B 187 5.31 -14.25 31.84
C GLY B 187 4.53 -15.55 31.71
N PRO B 188 3.59 -15.80 32.64
CA PRO B 188 2.84 -17.06 32.69
C PRO B 188 2.23 -17.46 31.36
N GLY B 189 1.64 -16.52 30.63
CA GLY B 189 0.96 -16.85 29.37
C GLY B 189 1.80 -16.78 28.10
N THR B 190 3.04 -16.30 28.19
CA THR B 190 3.82 -16.00 26.99
C THR B 190 4.02 -17.25 26.17
N VAL B 191 3.52 -17.22 24.93
CA VAL B 191 3.68 -18.30 24.00
C VAL B 191 5.10 -18.23 23.42
N THR B 192 5.75 -19.38 23.46
CA THR B 192 7.15 -19.56 23.19
C THR B 192 7.42 -20.63 22.10
N ASP B 193 6.55 -21.62 21.95
CA ASP B 193 6.73 -22.70 20.96
C ASP B 193 6.72 -22.15 19.53
N PRO B 194 7.79 -22.40 18.72
CA PRO B 194 7.84 -21.78 17.39
C PRO B 194 6.60 -22.04 16.55
N GLU B 195 6.09 -23.27 16.55
CA GLU B 195 4.91 -23.62 15.76
C GLU B 195 3.62 -22.95 16.24
N ALA B 196 3.40 -22.92 17.55
CA ALA B 196 2.31 -22.16 18.15
C ALA B 196 2.36 -20.70 17.70
N LEU B 197 3.55 -20.11 17.68
CA LEU B 197 3.68 -18.71 17.32
C LEU B 197 3.36 -18.48 15.86
N ARG B 198 3.80 -19.39 14.99
CA ARG B 198 3.46 -19.29 13.56
C ARG B 198 1.94 -19.35 13.35
N ARG B 199 1.24 -20.25 14.05
CA ARG B 199 -0.24 -20.32 13.97
C ARG B 199 -0.92 -19.05 14.50
N LEU B 200 -0.46 -18.63 15.68
CA LEU B 200 -0.92 -17.39 16.32
C LEU B 200 -0.74 -16.15 15.41
N LEU B 201 0.43 -16.02 14.79
CA LEU B 201 0.68 -14.90 13.90
C LEU B 201 -0.16 -14.93 12.61
N ALA B 202 -0.25 -16.11 12.00
CA ALA B 202 -1.10 -16.28 10.82
C ALA B 202 -2.57 -15.94 11.18
N ASN B 203 -3.04 -16.45 12.30
CA ASN B 203 -4.43 -16.16 12.72
C ASN B 203 -4.63 -14.68 12.97
N ALA B 204 -3.67 -14.03 13.61
CA ALA B 204 -3.74 -12.58 13.84
C ALA B 204 -3.85 -11.78 12.54
N TYR B 205 -3.05 -12.17 11.54
CA TYR B 205 -3.02 -11.51 10.24
C TYR B 205 -4.38 -11.58 9.58
N ARG B 206 -4.98 -12.74 9.60
CA ARG B 206 -6.30 -12.93 9.00
C ARG B 206 -7.41 -12.25 9.81
N ALA B 207 -7.41 -12.42 11.13
CA ALA B 207 -8.52 -11.95 11.98
C ALA B 207 -8.52 -10.45 12.26
N GLY B 208 -7.38 -9.79 12.16
CA GLY B 208 -7.29 -8.37 12.47
C GLY B 208 -7.16 -8.01 13.95
N TYR B 209 -6.93 -9.00 14.80
CA TYR B 209 -6.59 -8.81 16.22
C TYR B 209 -5.76 -9.99 16.75
N VAL B 210 -5.05 -9.76 17.86
CA VAL B 210 -4.46 -10.85 18.68
C VAL B 210 -4.79 -10.59 20.10
N ALA B 211 -4.96 -11.69 20.84
CA ALA B 211 -5.09 -11.67 22.30
C ALA B 211 -3.86 -12.29 22.89
N ALA B 212 -3.46 -11.80 24.05
CA ALA B 212 -2.28 -12.29 24.75
C ALA B 212 -2.61 -12.54 26.23
N PRO B 213 -3.28 -13.68 26.54
CA PRO B 213 -3.73 -13.90 27.91
C PRO B 213 -2.59 -14.19 28.85
N GLY B 214 -2.52 -13.46 29.95
CA GLY B 214 -1.50 -13.66 30.95
C GLY B 214 -0.05 -13.30 30.65
N TYR B 215 0.19 -12.48 29.65
CA TYR B 215 1.58 -12.12 29.26
C TYR B 215 2.31 -11.16 30.24
N ILE B 216 1.62 -10.15 30.71
CA ILE B 216 2.24 -9.08 31.50
C ILE B 216 1.92 -9.31 32.98
N GLU B 217 0.73 -9.81 33.29
CA GLU B 217 0.44 -10.42 34.58
C GLU B 217 -0.54 -11.58 34.38
N ALA B 218 -0.49 -12.55 35.31
CA ALA B 218 -1.33 -13.76 35.20
C ALA B 218 -2.82 -13.43 35.12
N VAL B 219 -3.23 -12.36 35.77
CA VAL B 219 -4.64 -11.98 35.79
C VAL B 219 -5.02 -10.90 34.75
N ALA B 220 -4.17 -10.62 33.76
CA ALA B 220 -4.53 -9.64 32.71
C ALA B 220 -4.35 -10.22 31.29
N THR B 221 -5.15 -9.69 30.35
CA THR B 221 -5.03 -10.01 28.93
C THR B 221 -4.80 -8.74 28.13
N GLY B 222 -3.93 -8.88 27.13
CA GLY B 222 -3.64 -7.84 26.15
C GLY B 222 -4.36 -8.15 24.86
N ILE B 223 -4.90 -7.13 24.21
CA ILE B 223 -5.61 -7.31 22.95
C ILE B 223 -5.13 -6.20 22.04
N ALA B 224 -4.67 -6.54 20.85
CA ALA B 224 -4.18 -5.53 19.91
C ALA B 224 -4.80 -5.65 18.54
N VAL B 225 -4.98 -4.49 17.88
CA VAL B 225 -5.40 -4.37 16.48
C VAL B 225 -4.42 -3.49 15.69
N PRO B 226 -4.34 -3.69 14.36
CA PRO B 226 -3.44 -2.86 13.53
C PRO B 226 -4.02 -1.48 13.19
N ILE B 227 -3.11 -0.53 12.99
CA ILE B 227 -3.41 0.76 12.42
C ILE B 227 -2.63 0.87 11.12
N ARG B 228 -3.35 1.13 10.03
CA ARG B 228 -2.78 1.22 8.69
C ARG B 228 -2.64 2.66 8.19
N SER B 229 -1.60 2.90 7.40
CA SER B 229 -1.51 4.08 6.59
C SER B 229 -1.04 3.60 5.23
N GLU B 230 -1.84 3.85 4.19
CA GLU B 230 -1.48 3.51 2.81
C GLU B 230 -1.24 2.01 2.65
N GLY B 231 -2.12 1.22 3.25
CA GLY B 231 -2.04 -0.24 3.22
C GLY B 231 -1.04 -0.90 4.17
N VAL B 232 -0.10 -0.12 4.74
CA VAL B 232 0.99 -0.62 5.56
C VAL B 232 0.56 -0.47 7.01
N VAL B 233 0.77 -1.53 7.79
CA VAL B 233 0.49 -1.52 9.22
C VAL B 233 1.65 -0.80 9.88
N ILE B 234 1.35 0.34 10.50
CA ILE B 234 2.40 1.21 11.07
C ILE B 234 2.41 1.26 12.57
N ALA B 235 1.33 0.79 13.19
CA ALA B 235 1.24 0.77 14.63
C ALA B 235 0.22 -0.25 15.10
N ALA B 236 0.20 -0.45 16.40
CA ALA B 236 -0.80 -1.31 17.04
C ALA B 236 -1.48 -0.54 18.14
N LEU B 237 -2.81 -0.55 18.10
CA LEU B 237 -3.65 -0.05 19.19
C LEU B 237 -4.03 -1.21 20.08
N SER B 238 -3.84 -1.06 21.39
CA SER B 238 -4.07 -2.17 22.31
C SER B 238 -4.85 -1.79 23.55
N ALA B 239 -5.49 -2.81 24.13
CA ALA B 239 -6.05 -2.75 25.46
C ALA B 239 -5.35 -3.76 26.36
N VAL B 240 -5.33 -3.45 27.65
CA VAL B 240 -5.06 -4.40 28.73
C VAL B 240 -6.28 -4.41 29.65
N GLN B 241 -6.77 -5.59 29.97
CA GLN B 241 -8.01 -5.73 30.77
C GLN B 241 -7.91 -7.04 31.56
N PRO B 242 -8.80 -7.25 32.53
CA PRO B 242 -8.64 -8.47 33.34
C PRO B 242 -8.85 -9.71 32.49
N LEU B 243 -8.15 -10.78 32.89
CA LEU B 243 -8.09 -12.05 32.17
C LEU B 243 -9.45 -12.58 31.75
N GLN B 244 -10.41 -12.57 32.68
CA GLN B 244 -11.69 -13.23 32.39
C GLN B 244 -12.64 -12.38 31.56
N ASN B 245 -12.44 -11.08 31.44
CA ASN B 245 -13.32 -10.23 30.63
C ASN B 245 -13.35 -10.74 29.19
N ALA B 246 -14.50 -10.59 28.55
CA ALA B 246 -14.70 -11.07 27.18
C ALA B 246 -13.76 -10.34 26.24
N VAL B 247 -13.13 -11.08 25.34
CA VAL B 247 -12.18 -10.48 24.36
C VAL B 247 -12.91 -9.73 23.24
N GLU B 248 -13.89 -10.39 22.61
CA GLU B 248 -14.52 -9.83 21.37
C GLU B 248 -15.21 -8.44 21.49
N PRO B 249 -15.88 -8.16 22.63
CA PRO B 249 -16.44 -6.78 22.78
C PRO B 249 -15.36 -5.67 22.74
N THR B 250 -14.24 -5.94 23.39
CA THR B 250 -13.09 -5.03 23.38
C THR B 250 -12.47 -4.95 21.97
N VAL B 251 -12.32 -6.09 21.28
CA VAL B 251 -11.81 -6.06 19.88
C VAL B 251 -12.64 -5.11 19.01
N GLU B 252 -13.96 -5.21 19.09
CA GLU B 252 -14.86 -4.32 18.32
C GLU B 252 -14.63 -2.83 18.64
N ILE B 253 -14.45 -2.50 19.92
CA ILE B 253 -14.19 -1.11 20.32
C ILE B 253 -12.86 -0.63 19.75
N LEU B 254 -11.83 -1.48 19.83
CA LEU B 254 -10.51 -1.13 19.35
C LEU B 254 -10.54 -0.92 17.84
N ARG B 255 -11.27 -1.77 17.11
CA ARG B 255 -11.42 -1.65 15.65
C ARG B 255 -12.01 -0.33 15.22
N GLU B 256 -13.09 0.08 15.88
CA GLU B 256 -13.72 1.38 15.63
C GLU B 256 -12.74 2.53 15.87
N ALA B 257 -12.01 2.44 16.97
CA ALA B 257 -11.01 3.45 17.26
C ALA B 257 -9.92 3.45 16.17
N ALA B 258 -9.49 2.26 15.74
CA ALA B 258 -8.47 2.16 14.68
C ALA B 258 -8.92 2.80 13.37
N VAL B 259 -10.16 2.55 12.96
CA VAL B 259 -10.77 3.22 11.81
C VAL B 259 -10.75 4.76 11.94
N GLY B 260 -11.18 5.27 13.10
CA GLY B 260 -11.07 6.70 13.40
C GLY B 260 -9.65 7.26 13.25
N ILE B 261 -8.67 6.53 13.75
CA ILE B 261 -7.28 6.95 13.65
C ILE B 261 -6.84 6.97 12.19
N GLU B 262 -7.20 5.92 11.45
CA GLU B 262 -6.80 5.83 10.04
C GLU B 262 -7.42 6.94 9.20
N THR B 263 -8.70 7.19 9.43
CA THR B 263 -9.41 8.28 8.76
C THR B 263 -8.76 9.64 9.04
N ASP B 264 -8.51 9.94 10.32
CA ASP B 264 -7.96 11.26 10.69
C ASP B 264 -6.54 11.45 10.22
N LEU B 265 -5.78 10.37 10.14
CA LEU B 265 -4.42 10.42 9.60
C LEU B 265 -4.38 10.98 8.15
N ARG B 266 -5.44 10.75 7.37
CA ARG B 266 -5.53 11.30 6.00
C ARG B 266 -6.26 12.65 5.86
N ALA B 267 -6.61 13.32 6.96
CA ALA B 267 -7.09 14.73 6.90
C ALA B 267 -6.02 15.70 6.35
N SER B 268 -6.42 16.56 5.42
CA SER B 268 -5.50 17.51 4.75
C SER B 268 -4.69 18.39 5.73
N ARG B 269 -5.41 19.06 6.61
CA ARG B 269 -4.83 20.01 7.55
C ARG B 269 -4.27 19.24 8.76
N TRP B 270 -2.97 19.39 9.00
CA TRP B 270 -2.31 18.81 10.19
C TRP B 270 -2.43 19.71 11.42
N ASP C 28 -5.77 -24.38 -38.34
CA ASP C 28 -5.52 -24.65 -36.87
C ASP C 28 -6.81 -25.10 -36.22
N SER C 29 -6.71 -25.96 -35.22
CA SER C 29 -7.91 -26.54 -34.59
C SER C 29 -8.75 -25.49 -33.84
N MET C 30 -9.95 -25.89 -33.43
CA MET C 30 -10.84 -25.01 -32.70
C MET C 30 -10.21 -24.65 -31.34
N LEU C 31 -9.68 -25.66 -30.65
CA LEU C 31 -9.14 -25.45 -29.32
C LEU C 31 -7.91 -24.54 -29.33
N ALA C 32 -7.05 -24.64 -30.34
CA ALA C 32 -5.89 -23.76 -30.46
C ALA C 32 -6.32 -22.31 -30.71
N ARG C 33 -7.36 -22.13 -31.52
CA ARG C 33 -7.94 -20.81 -31.75
C ARG C 33 -8.56 -20.20 -30.50
N VAL C 34 -9.29 -21.01 -29.76
CA VAL C 34 -9.85 -20.62 -28.47
C VAL C 34 -8.73 -20.10 -27.54
N VAL C 35 -7.67 -20.89 -27.46
CA VAL C 35 -6.50 -20.52 -26.70
C VAL C 35 -5.90 -19.22 -27.21
N ARG C 36 -5.75 -19.07 -28.53
CA ARG C 36 -5.23 -17.80 -29.10
C ARG C 36 -6.12 -16.60 -28.80
N VAL C 37 -7.43 -16.81 -28.72
CA VAL C 37 -8.35 -15.74 -28.34
C VAL C 37 -8.08 -15.33 -26.90
N LEU C 38 -8.01 -16.32 -26.01
CA LEU C 38 -7.70 -16.04 -24.60
C LEU C 38 -6.37 -15.27 -24.43
N GLU C 39 -5.38 -15.59 -25.25
CA GLU C 39 -4.07 -14.91 -25.21
C GLU C 39 -4.04 -13.47 -25.73
N THR C 40 -5.12 -13.00 -26.37
CA THR C 40 -5.24 -11.58 -26.69
C THR C 40 -5.59 -10.76 -25.43
N PHE C 41 -6.17 -11.38 -24.42
CA PHE C 41 -6.42 -10.68 -23.16
C PHE C 41 -5.16 -10.62 -22.28
N ASN C 42 -5.13 -9.63 -21.40
CA ASN C 42 -4.08 -9.51 -20.37
C ASN C 42 -4.55 -8.51 -19.33
N VAL C 43 -3.77 -8.35 -18.26
CA VAL C 43 -4.19 -7.57 -17.09
C VAL C 43 -4.50 -6.09 -17.40
N ASP C 44 -3.92 -5.57 -18.47
CA ASP C 44 -4.21 -4.20 -18.95
C ASP C 44 -5.16 -4.16 -20.16
N ARG C 45 -5.77 -5.30 -20.51
CA ARG C 45 -6.74 -5.35 -21.61
C ARG C 45 -7.79 -6.41 -21.27
N THR C 46 -8.84 -5.98 -20.59
CA THR C 46 -9.83 -6.92 -20.07
C THR C 46 -11.11 -6.94 -20.90
N ALA C 47 -11.31 -5.97 -21.79
CA ALA C 47 -12.53 -5.87 -22.59
C ALA C 47 -12.15 -5.52 -24.02
N GLN C 48 -12.63 -6.33 -24.97
CA GLN C 48 -12.28 -6.21 -26.38
C GLN C 48 -13.50 -6.42 -27.27
N THR C 49 -13.52 -5.80 -28.45
CA THR C 49 -14.50 -6.19 -29.50
C THR C 49 -14.01 -7.49 -30.16
N ALA C 50 -14.91 -8.26 -30.75
CA ALA C 50 -14.50 -9.48 -31.46
C ALA C 50 -13.59 -9.18 -32.67
N SER C 51 -13.77 -8.01 -33.28
CA SER C 51 -12.92 -7.55 -34.38
C SER C 51 -11.48 -7.26 -33.95
N ASP C 52 -11.33 -6.58 -32.80
CA ASP C 52 -10.03 -6.39 -32.16
C ASP C 52 -9.39 -7.74 -31.89
N ILE C 53 -10.19 -8.66 -31.33
CA ILE C 53 -9.73 -10.03 -31.03
C ILE C 53 -9.18 -10.69 -32.30
N GLY C 54 -9.92 -10.56 -33.41
CA GLY C 54 -9.46 -11.05 -34.72
C GLY C 54 -8.12 -10.48 -35.15
N ARG C 55 -7.96 -9.16 -35.00
CA ARG C 55 -6.70 -8.47 -35.30
C ARG C 55 -5.52 -9.10 -34.53
N ARG C 56 -5.67 -9.25 -33.22
CA ARG C 56 -4.55 -9.63 -32.35
C ARG C 56 -4.28 -11.12 -32.37
N ALA C 57 -5.33 -11.93 -32.54
CA ALA C 57 -5.17 -13.38 -32.60
C ALA C 57 -4.85 -13.92 -34.00
N ALA C 58 -4.71 -13.03 -34.99
CA ALA C 58 -4.46 -13.40 -36.39
C ALA C 58 -5.52 -14.35 -36.95
N LEU C 59 -6.78 -13.97 -36.79
CA LEU C 59 -7.90 -14.72 -37.33
C LEU C 59 -8.70 -13.85 -38.27
N PRO C 60 -9.22 -14.43 -39.37
CA PRO C 60 -10.19 -13.68 -40.18
C PRO C 60 -11.40 -13.26 -39.35
N SER C 61 -11.99 -12.13 -39.72
CA SER C 61 -13.11 -11.50 -38.99
C SER C 61 -14.30 -12.46 -38.74
N SER C 62 -14.68 -13.21 -39.79
CA SER C 62 -15.73 -14.23 -39.67
C SER C 62 -15.39 -15.31 -38.64
N THR C 63 -14.15 -15.81 -38.67
CA THR C 63 -13.71 -16.83 -37.71
C THR C 63 -13.66 -16.27 -36.28
N ALA C 64 -13.10 -15.09 -36.11
CA ALA C 64 -13.00 -14.50 -34.77
C ALA C 64 -14.36 -14.41 -34.13
N HIS C 65 -15.35 -13.92 -34.89
CA HIS C 65 -16.73 -13.85 -34.44
C HIS C 65 -17.30 -15.17 -33.96
N ARG C 66 -17.17 -16.23 -34.74
CA ARG C 66 -17.79 -17.51 -34.32
C ARG C 66 -17.04 -18.17 -33.17
N VAL C 67 -15.72 -18.01 -33.13
CA VAL C 67 -14.94 -18.51 -31.99
C VAL C 67 -15.38 -17.75 -30.73
N VAL C 68 -15.40 -16.41 -30.83
CA VAL C 68 -15.79 -15.57 -29.70
C VAL C 68 -17.22 -15.88 -29.26
N ASP C 69 -18.14 -15.98 -30.22
CA ASP C 69 -19.55 -16.28 -29.93
C ASP C 69 -19.69 -17.59 -29.14
N GLU C 70 -18.98 -18.63 -29.54
CA GLU C 70 -19.11 -19.91 -28.81
C GLU C 70 -18.46 -19.91 -27.43
N MET C 71 -17.34 -19.20 -27.32
CA MET C 71 -16.69 -18.99 -26.03
C MET C 71 -17.63 -18.27 -25.07
N VAL C 72 -18.36 -17.25 -25.58
CA VAL C 72 -19.43 -16.56 -24.81
C VAL C 72 -20.53 -17.53 -24.41
N LEU C 73 -20.99 -18.32 -25.37
CA LEU C 73 -22.10 -19.25 -25.16
C LEU C 73 -21.86 -20.23 -24.02
N VAL C 74 -20.64 -20.77 -23.95
CA VAL C 74 -20.23 -21.69 -22.88
C VAL C 74 -19.69 -20.96 -21.62
N GLY C 75 -19.61 -19.63 -21.65
CA GLY C 75 -19.24 -18.85 -20.46
C GLY C 75 -17.76 -18.67 -20.17
N ILE C 76 -16.89 -19.15 -21.08
CA ILE C 76 -15.44 -18.89 -21.03
C ILE C 76 -15.16 -17.40 -21.22
N LEU C 77 -15.95 -16.76 -22.08
CA LEU C 77 -16.05 -15.31 -22.16
C LEU C 77 -17.44 -14.87 -21.75
N GLU C 78 -17.56 -13.58 -21.53
CA GLU C 78 -18.83 -12.97 -21.19
C GLU C 78 -18.91 -11.72 -22.01
N ARG C 79 -20.12 -11.35 -22.40
CA ARG C 79 -20.29 -10.09 -23.12
C ARG C 79 -20.47 -9.03 -22.05
N GLY C 80 -19.50 -8.10 -22.00
CA GLY C 80 -19.40 -7.07 -20.96
C GLY C 80 -20.63 -6.20 -20.88
N ILE C 81 -20.77 -5.52 -19.74
CA ILE C 81 -21.96 -4.70 -19.42
C ILE C 81 -22.14 -3.60 -20.49
N ASP C 82 -21.04 -2.98 -20.93
CA ASP C 82 -21.05 -2.02 -22.04
C ASP C 82 -20.49 -2.59 -23.39
N GLY C 83 -21.01 -3.75 -23.81
CA GLY C 83 -20.92 -4.23 -25.22
C GLY C 83 -19.79 -5.17 -25.67
N LYS C 84 -18.60 -5.00 -25.10
CA LYS C 84 -17.40 -5.73 -25.51
C LYS C 84 -17.37 -7.18 -24.93
N VAL C 85 -16.30 -7.94 -25.13
CA VAL C 85 -16.19 -9.26 -24.49
C VAL C 85 -15.00 -9.30 -23.56
N ARG C 86 -15.16 -10.07 -22.49
CA ARG C 86 -14.15 -10.19 -21.42
C ARG C 86 -14.09 -11.64 -20.94
N LEU C 87 -13.02 -11.98 -20.21
CA LEU C 87 -12.88 -13.32 -19.65
C LEU C 87 -14.03 -13.56 -18.70
N GLY C 88 -14.60 -14.75 -18.75
CA GLY C 88 -15.78 -15.08 -17.98
C GLY C 88 -15.47 -15.64 -16.61
N MET C 89 -16.41 -15.48 -15.69
CA MET C 89 -16.35 -16.04 -14.36
C MET C 89 -16.19 -17.57 -14.39
N ARG C 90 -16.80 -18.20 -15.39
CA ARG C 90 -16.69 -19.64 -15.52
C ARG C 90 -15.25 -20.12 -15.70
N LEU C 91 -14.47 -19.43 -16.53
CA LEU C 91 -13.05 -19.75 -16.72
C LEU C 91 -12.28 -19.66 -15.40
N TRP C 92 -12.52 -18.58 -14.66
CA TRP C 92 -11.92 -18.37 -13.35
C TRP C 92 -12.28 -19.53 -12.41
N GLU C 93 -13.56 -19.88 -12.34
CA GLU C 93 -14.01 -21.00 -11.48
C GLU C 93 -13.39 -22.32 -11.88
N LEU C 94 -13.19 -22.54 -13.17
CA LEU C 94 -12.51 -23.75 -13.66
C LEU C 94 -11.04 -23.80 -13.25
N ALA C 95 -10.32 -22.71 -13.51
CA ALA C 95 -8.93 -22.59 -13.09
C ALA C 95 -8.77 -22.85 -11.58
N LEU C 96 -9.72 -22.38 -10.79
CA LEU C 96 -9.63 -22.46 -9.33
C LEU C 96 -9.80 -23.88 -8.77
N ARG C 97 -10.41 -24.76 -9.55
CA ARG C 97 -10.51 -26.18 -9.20
C ARG C 97 -9.17 -26.88 -8.97
N GLY C 98 -8.09 -26.36 -9.55
CA GLY C 98 -6.74 -26.86 -9.29
C GLY C 98 -5.77 -25.80 -8.77
N SER C 99 -6.29 -24.77 -8.12
CA SER C 99 -5.46 -23.65 -7.65
C SER C 99 -4.46 -24.06 -6.54
N MET C 100 -4.82 -25.05 -5.73
CA MET C 100 -3.94 -25.58 -4.68
C MET C 100 -2.57 -25.96 -5.24
N ALA C 101 -2.55 -26.83 -6.26
CA ALA C 101 -1.31 -27.13 -6.98
C ALA C 101 -0.82 -25.97 -7.88
N LEU C 102 -1.73 -25.41 -8.68
CA LEU C 102 -1.34 -24.53 -9.80
C LEU C 102 -0.77 -23.19 -9.34
N ARG C 103 -1.45 -22.59 -8.38
CA ARG C 103 -1.01 -21.33 -7.83
C ARG C 103 0.33 -21.49 -7.13
N LEU C 104 0.51 -22.56 -6.37
CA LEU C 104 1.77 -22.80 -5.67
C LEU C 104 2.90 -22.95 -6.67
N ARG C 105 2.66 -23.77 -7.70
CA ARG C 105 3.64 -23.97 -8.78
C ARG C 105 4.02 -22.67 -9.44
N GLN C 106 3.01 -21.90 -9.83
CA GLN C 106 3.21 -20.67 -10.60
C GLN C 106 4.04 -19.69 -9.76
N VAL C 107 3.64 -19.51 -8.52
CA VAL C 107 4.34 -18.65 -7.60
C VAL C 107 5.73 -19.17 -7.24
N ALA C 108 5.87 -20.48 -7.12
CA ALA C 108 7.14 -21.06 -6.68
C ALA C 108 8.23 -21.07 -7.72
N LEU C 109 7.85 -21.18 -9.00
CA LEU C 109 8.83 -21.39 -10.08
C LEU C 109 9.95 -20.35 -10.16
N PRO C 110 9.64 -19.05 -10.09
CA PRO C 110 10.75 -18.07 -10.11
C PRO C 110 11.76 -18.19 -8.93
N HIS C 111 11.27 -18.58 -7.76
CA HIS C 111 12.17 -18.78 -6.60
C HIS C 111 13.00 -20.04 -6.79
N MET C 112 12.41 -21.08 -7.38
CA MET C 112 13.14 -22.30 -7.74
C MET C 112 14.25 -22.03 -8.78
N GLU C 113 13.97 -21.17 -9.78
CA GLU C 113 14.98 -20.75 -10.77
C GLU C 113 16.14 -20.00 -10.10
N ARG C 114 15.84 -19.20 -9.08
CA ARG C 114 16.91 -18.51 -8.36
C ARG C 114 17.77 -19.50 -7.53
N VAL C 115 17.16 -20.55 -6.98
CA VAL C 115 17.92 -21.61 -6.32
C VAL C 115 18.84 -22.31 -7.34
N GLN C 116 18.28 -22.69 -8.49
CA GLN C 116 19.04 -23.29 -9.60
C GLN C 116 20.29 -22.50 -9.96
N GLN C 117 20.15 -21.19 -10.14
CA GLN C 117 21.28 -20.30 -10.45
C GLN C 117 22.42 -20.29 -9.42
N ARG C 118 22.09 -20.37 -8.12
CA ARG C 118 23.11 -20.36 -7.05
C ARG C 118 23.74 -21.73 -6.76
N VAL C 119 22.94 -22.80 -6.81
CA VAL C 119 23.41 -24.16 -6.44
C VAL C 119 23.86 -24.97 -7.68
N ARG C 120 23.12 -24.85 -8.77
CA ARG C 120 23.43 -25.45 -10.07
C ARG C 120 23.35 -26.99 -10.08
N GLU C 121 22.34 -27.50 -9.38
CA GLU C 121 22.10 -28.92 -9.28
C GLU C 121 20.62 -29.15 -9.57
N HIS C 122 19.86 -29.66 -8.60
CA HIS C 122 18.45 -29.95 -8.79
C HIS C 122 17.66 -29.33 -7.63
N THR C 123 16.51 -28.74 -7.97
CA THR C 123 15.56 -28.23 -7.00
C THR C 123 14.21 -28.85 -7.30
N GLN C 124 13.47 -29.23 -6.27
CA GLN C 124 12.15 -29.81 -6.47
C GLN C 124 11.12 -29.19 -5.55
N LEU C 125 9.87 -29.35 -5.94
CA LEU C 125 8.72 -28.87 -5.19
C LEU C 125 7.76 -30.01 -5.03
N ALA C 126 7.37 -30.31 -3.79
CA ALA C 126 6.55 -31.49 -3.52
C ALA C 126 5.45 -31.20 -2.53
N VAL C 127 4.37 -31.96 -2.64
CA VAL C 127 3.27 -31.89 -1.69
C VAL C 127 2.88 -33.31 -1.35
N LEU C 128 2.03 -33.45 -0.36
CA LEU C 128 1.44 -34.76 -0.04
C LEU C 128 0.11 -34.93 -0.77
N GLU C 129 -0.03 -36.03 -1.49
CA GLU C 129 -1.31 -36.44 -2.13
C GLU C 129 -1.53 -37.88 -1.66
N HIS C 130 -2.63 -38.13 -0.97
CA HIS C 130 -3.03 -39.48 -0.53
C HIS C 130 -1.91 -40.15 0.31
N ASN C 131 -1.23 -39.39 1.16
CA ASN C 131 -0.12 -39.90 2.00
C ASN C 131 1.13 -40.40 1.22
N GLU C 132 1.30 -39.89 0.00
CA GLU C 132 2.52 -40.10 -0.77
C GLU C 132 2.98 -38.76 -1.31
N VAL C 133 4.25 -38.72 -1.71
CA VAL C 133 4.89 -37.50 -2.15
C VAL C 133 4.61 -37.34 -3.64
N LEU C 134 3.91 -36.27 -3.99
CA LEU C 134 3.78 -35.86 -5.39
C LEU C 134 4.70 -34.70 -5.70
N PHE C 135 5.60 -34.88 -6.67
CA PHE C 135 6.43 -33.78 -7.14
C PHE C 135 5.70 -32.95 -8.18
N LEU C 136 5.51 -31.67 -7.88
CA LEU C 136 4.82 -30.74 -8.76
C LEU C 136 5.77 -30.10 -9.76
N GLU C 137 7.02 -29.89 -9.38
CA GLU C 137 8.02 -29.33 -10.28
C GLU C 137 9.36 -29.93 -9.92
N ARG C 138 10.18 -30.14 -10.94
CA ARG C 138 11.59 -30.51 -10.78
C ARG C 138 12.39 -29.69 -11.79
N LEU C 139 13.50 -29.13 -11.33
CA LEU C 139 14.44 -28.42 -12.21
C LEU C 139 15.80 -29.06 -12.03
N SER C 140 16.50 -29.25 -13.14
CA SER C 140 17.86 -29.76 -13.19
C SER C 140 18.72 -28.84 -14.02
N HIS C 141 19.88 -28.49 -13.50
CA HIS C 141 20.81 -27.64 -14.18
C HIS C 141 21.63 -28.53 -15.13
N HIS C 142 22.05 -27.96 -16.26
CA HIS C 142 22.87 -28.68 -17.25
C HIS C 142 24.23 -29.17 -16.71
N GLU C 143 24.93 -28.27 -16.03
CA GLU C 143 26.18 -28.53 -15.34
C GLU C 143 26.07 -29.32 -14.00
N ALA C 144 24.89 -29.88 -13.68
CA ALA C 144 24.71 -30.59 -12.41
C ALA C 144 25.66 -31.78 -12.29
N VAL C 145 26.46 -31.79 -11.21
CA VAL C 145 27.39 -32.89 -10.91
C VAL C 145 26.58 -34.14 -10.51
N SER C 146 25.63 -33.97 -9.59
CA SER C 146 24.81 -35.08 -9.10
C SER C 146 23.78 -35.51 -10.12
N ASN C 147 23.33 -36.76 -10.00
CA ASN C 147 22.31 -37.32 -10.88
C ASN C 147 21.01 -37.51 -10.08
N LEU C 148 19.89 -37.20 -10.74
CA LEU C 148 18.58 -37.19 -10.10
C LEU C 148 17.74 -38.33 -10.68
N ALA C 149 17.26 -39.22 -9.81
CA ALA C 149 16.52 -40.41 -10.21
C ALA C 149 15.24 -40.05 -10.95
N ARG C 150 14.99 -40.67 -12.11
CA ARG C 150 13.74 -40.46 -12.84
C ARG C 150 12.61 -41.08 -12.02
N VAL C 151 11.55 -40.32 -11.76
CA VAL C 151 10.50 -40.71 -10.81
C VAL C 151 9.29 -41.23 -11.57
N ALA C 152 8.78 -42.39 -11.13
CA ALA C 152 7.65 -43.06 -11.76
C ALA C 152 6.44 -42.92 -10.85
N GLY C 153 5.70 -41.82 -11.01
CA GLY C 153 4.55 -41.51 -10.18
C GLY C 153 4.96 -40.92 -8.84
N ARG C 154 4.16 -41.18 -7.81
CA ARG C 154 4.43 -40.71 -6.45
C ARG C 154 5.35 -41.69 -5.72
N LEU C 155 6.20 -41.16 -4.83
CA LEU C 155 7.16 -41.97 -4.05
C LEU C 155 6.62 -42.27 -2.68
N PRO C 156 7.04 -43.41 -2.08
CA PRO C 156 6.58 -43.65 -0.71
C PRO C 156 7.07 -42.53 0.20
N VAL C 157 6.22 -42.14 1.15
CA VAL C 157 6.44 -40.95 2.00
C VAL C 157 7.72 -41.02 2.82
N HIS C 158 8.09 -42.24 3.21
CA HIS C 158 9.31 -42.47 3.99
C HIS C 158 10.59 -42.55 3.19
N ALA C 159 10.51 -42.53 1.85
CA ALA C 159 11.66 -42.76 0.98
C ALA C 159 12.21 -41.51 0.30
N SER C 160 11.88 -40.33 0.82
CA SER C 160 12.47 -39.09 0.30
C SER C 160 12.53 -38.03 1.37
N SER C 161 13.52 -37.15 1.22
CA SER C 161 13.68 -36.06 2.16
C SER C 161 12.41 -35.19 2.19
N SER C 162 11.83 -34.93 1.02
CA SER C 162 10.57 -34.19 0.92
C SER C 162 9.45 -34.85 1.69
N GLY C 163 9.33 -36.17 1.52
CA GLY C 163 8.34 -36.95 2.22
C GLY C 163 8.47 -36.89 3.72
N LEU C 164 9.68 -37.03 4.21
CA LEU C 164 9.94 -37.04 5.64
C LEU C 164 9.69 -35.66 6.23
N MET C 165 10.03 -34.59 5.49
CA MET C 165 9.76 -33.24 5.91
C MET C 165 8.26 -32.96 6.01
N LEU C 166 7.50 -33.38 5.00
CA LEU C 166 6.04 -33.19 5.02
C LEU C 166 5.40 -34.02 6.13
N LEU C 167 5.85 -35.27 6.25
CA LEU C 167 5.32 -36.16 7.27
C LEU C 167 5.56 -35.61 8.68
N ALA C 168 6.70 -34.99 8.91
CA ALA C 168 7.02 -34.37 10.20
C ALA C 168 5.99 -33.32 10.68
N HIS C 169 5.33 -32.65 9.73
CA HIS C 169 4.34 -31.58 9.97
C HIS C 169 2.91 -32.01 9.69
N ALA C 170 2.70 -33.29 9.36
CA ALA C 170 1.35 -33.83 9.16
C ALA C 170 0.75 -34.09 10.55
N GLY C 171 -0.48 -34.58 10.64
CA GLY C 171 -1.00 -34.92 12.00
C GLY C 171 -0.16 -35.95 12.78
N PRO C 172 -0.30 -36.01 14.13
CA PRO C 172 0.16 -37.25 14.80
C PRO C 172 -0.63 -38.47 14.28
N GLU C 173 -1.89 -38.25 13.90
CA GLU C 173 -2.70 -39.27 13.26
C GLU C 173 -2.05 -39.79 11.99
N VAL C 174 -1.61 -38.88 11.11
CA VAL C 174 -0.99 -39.27 9.84
C VAL C 174 0.32 -40.03 10.11
N ARG C 175 1.18 -39.47 10.95
CA ARG C 175 2.41 -40.14 11.35
C ARG C 175 2.14 -41.59 11.83
N GLU C 176 1.19 -41.76 12.76
CA GLU C 176 0.93 -43.08 13.33
C GLU C 176 0.32 -44.07 12.38
N GLU C 177 -0.48 -43.56 11.43
CA GLU C 177 -1.03 -44.40 10.37
C GLU C 177 0.13 -44.96 9.51
N VAL C 178 1.05 -44.11 9.10
CA VAL C 178 2.20 -44.54 8.28
C VAL C 178 3.02 -45.57 9.05
N LEU C 179 3.23 -45.31 10.33
CA LEU C 179 3.97 -46.20 11.22
C LEU C 179 3.20 -47.43 11.78
N SER C 180 1.90 -47.55 11.52
CA SER C 180 1.13 -48.72 11.96
C SER C 180 1.44 -49.99 11.13
N LYS C 181 1.87 -49.78 9.88
CA LYS C 181 2.12 -50.85 8.91
C LYS C 181 3.66 -50.94 8.70
N PRO C 182 4.26 -52.15 8.68
CA PRO C 182 5.74 -52.18 8.46
C PRO C 182 6.12 -51.58 7.11
N LEU C 183 7.20 -50.80 7.09
CA LEU C 183 7.61 -50.03 5.91
C LEU C 183 8.69 -50.73 5.08
N PRO C 184 8.59 -50.67 3.75
CA PRO C 184 9.53 -51.38 2.91
C PRO C 184 10.87 -50.63 2.75
N ARG C 185 11.94 -51.41 2.59
CA ARG C 185 13.27 -50.89 2.28
C ARG C 185 13.37 -50.68 0.77
N VAL C 186 12.85 -49.54 0.33
CA VAL C 186 12.78 -49.13 -1.07
C VAL C 186 14.14 -48.85 -1.67
N GLY C 187 15.04 -48.30 -0.87
CA GLY C 187 16.42 -48.06 -1.33
C GLY C 187 17.49 -48.30 -0.29
N PRO C 188 18.77 -48.26 -0.70
CA PRO C 188 19.82 -48.46 0.29
C PRO C 188 19.87 -47.39 1.37
N GLY C 189 19.33 -46.20 1.11
CA GLY C 189 19.26 -45.14 2.09
C GLY C 189 18.00 -45.11 2.94
N THR C 190 17.00 -45.95 2.63
CA THR C 190 15.69 -45.82 3.25
C THR C 190 15.75 -46.20 4.72
N VAL C 191 15.17 -45.39 5.60
CA VAL C 191 14.99 -45.78 7.00
C VAL C 191 13.58 -46.37 7.13
N THR C 192 13.54 -47.57 7.70
CA THR C 192 12.34 -48.39 7.91
C THR C 192 11.95 -48.58 9.39
N ASP C 193 12.91 -48.57 10.31
CA ASP C 193 12.61 -48.88 11.71
C ASP C 193 11.69 -47.81 12.32
N PRO C 194 10.52 -48.21 12.87
CA PRO C 194 9.58 -47.17 13.36
C PRO C 194 10.20 -46.17 14.37
N GLU C 195 11.01 -46.69 15.30
CA GLU C 195 11.63 -45.82 16.32
C GLU C 195 12.68 -44.86 15.75
N ALA C 196 13.49 -45.33 14.81
CA ALA C 196 14.42 -44.44 14.08
C ALA C 196 13.64 -43.40 13.26
N LEU C 197 12.51 -43.78 12.69
CA LEU C 197 11.68 -42.83 11.97
C LEU C 197 11.09 -41.74 12.89
N ARG C 198 10.63 -42.14 14.07
CA ARG C 198 10.09 -41.18 15.06
C ARG C 198 11.12 -40.13 15.43
N ARG C 199 12.34 -40.58 15.67
CA ARG C 199 13.45 -39.67 15.99
C ARG C 199 13.79 -38.77 14.82
N LEU C 200 13.85 -39.35 13.62
CA LEU C 200 14.09 -38.58 12.40
C LEU C 200 13.05 -37.47 12.25
N LEU C 201 11.78 -37.81 12.40
CA LEU C 201 10.67 -36.86 12.22
C LEU C 201 10.67 -35.77 13.29
N ALA C 202 10.95 -36.14 14.54
CA ALA C 202 11.05 -35.17 15.63
C ALA C 202 12.22 -34.22 15.39
N ASN C 203 13.36 -34.75 14.94
CA ASN C 203 14.49 -33.87 14.61
C ASN C 203 14.18 -32.92 13.46
N ALA C 204 13.47 -33.39 12.44
CA ALA C 204 13.14 -32.56 11.25
C ALA C 204 12.19 -31.43 11.63
N TYR C 205 11.13 -31.78 12.37
CA TYR C 205 10.15 -30.82 12.88
C TYR C 205 10.79 -29.69 13.66
N ARG C 206 11.76 -30.05 14.50
CA ARG C 206 12.50 -29.12 15.33
C ARG C 206 13.55 -28.33 14.53
N ALA C 207 14.31 -28.97 13.66
CA ALA C 207 15.43 -28.31 12.97
C ALA C 207 14.99 -27.50 11.73
N GLY C 208 13.82 -27.81 11.15
CA GLY C 208 13.36 -27.08 9.96
C GLY C 208 13.98 -27.54 8.63
N TYR C 209 14.68 -28.68 8.63
CA TYR C 209 15.19 -29.32 7.40
C TYR C 209 15.40 -30.82 7.61
N VAL C 210 15.39 -31.57 6.52
CA VAL C 210 15.88 -32.96 6.47
C VAL C 210 17.04 -33.00 5.50
N ALA C 211 18.17 -33.57 5.91
CA ALA C 211 19.37 -33.68 5.06
C ALA C 211 20.09 -34.97 5.33
N ALA C 212 20.21 -35.81 4.32
CA ALA C 212 20.86 -37.11 4.46
C ALA C 212 21.22 -37.60 3.06
N PRO C 213 21.95 -38.72 2.98
CA PRO C 213 21.99 -39.37 1.67
C PRO C 213 20.54 -39.57 1.18
N GLY C 214 20.33 -39.56 -0.14
CA GLY C 214 19.03 -39.84 -0.73
C GLY C 214 18.42 -41.10 -0.10
N TYR C 215 17.22 -40.95 0.46
CA TYR C 215 16.51 -42.05 1.14
C TYR C 215 15.98 -43.14 0.21
N ILE C 216 16.43 -43.10 -1.04
CA ILE C 216 16.26 -44.18 -1.98
C ILE C 216 17.70 -44.49 -2.47
N GLU C 217 18.23 -43.84 -3.53
CA GLU C 217 19.54 -44.21 -4.15
C GLU C 217 20.73 -44.06 -3.19
N ALA C 218 20.74 -42.92 -2.46
CA ALA C 218 21.78 -42.55 -1.48
C ALA C 218 23.20 -42.39 -2.11
N VAL C 219 23.25 -41.84 -3.31
CA VAL C 219 24.54 -41.49 -3.96
C VAL C 219 24.69 -39.95 -4.09
N ALA C 220 23.64 -39.24 -3.71
CA ALA C 220 23.58 -37.80 -3.64
C ALA C 220 22.87 -37.47 -2.33
N THR C 221 23.02 -36.22 -1.87
CA THR C 221 22.38 -35.74 -0.67
C THR C 221 21.05 -35.14 -1.12
N GLY C 222 19.95 -35.56 -0.49
CA GLY C 222 18.64 -34.95 -0.67
C GLY C 222 18.42 -34.04 0.54
N ILE C 223 18.07 -32.78 0.30
CA ILE C 223 17.79 -31.80 1.36
C ILE C 223 16.39 -31.24 1.15
N ALA C 224 15.57 -31.18 2.21
CA ALA C 224 14.23 -30.60 2.10
C ALA C 224 13.93 -29.67 3.28
N VAL C 225 13.25 -28.55 2.99
CA VAL C 225 12.75 -27.61 3.99
C VAL C 225 11.25 -27.39 3.73
N PRO C 226 10.50 -26.98 4.77
CA PRO C 226 9.08 -26.67 4.59
C PRO C 226 8.82 -25.32 3.94
N ILE C 227 7.73 -25.26 3.19
CA ILE C 227 7.14 -24.02 2.69
C ILE C 227 5.82 -23.88 3.41
N ARG C 228 5.63 -22.72 4.02
CA ARG C 228 4.41 -22.46 4.76
C ARG C 228 3.55 -21.44 4.05
N SER C 229 2.24 -21.52 4.32
CA SER C 229 1.30 -20.45 4.03
C SER C 229 0.24 -20.41 5.14
N GLU C 230 -0.05 -19.23 5.67
CA GLU C 230 -1.03 -19.05 6.75
C GLU C 230 -0.81 -20.01 7.95
N GLY C 231 0.44 -20.21 8.32
CA GLY C 231 0.79 -20.97 9.51
C GLY C 231 0.95 -22.47 9.33
N VAL C 232 0.69 -23.00 8.14
CA VAL C 232 0.69 -24.44 7.91
C VAL C 232 1.70 -24.79 6.81
N VAL C 233 2.36 -25.92 6.99
CA VAL C 233 3.29 -26.43 6.00
C VAL C 233 2.46 -27.02 4.86
N ILE C 234 2.58 -26.43 3.69
CA ILE C 234 1.79 -26.83 2.55
C ILE C 234 2.59 -27.60 1.54
N ALA C 235 3.92 -27.54 1.62
CA ALA C 235 4.77 -28.16 0.59
C ALA C 235 6.20 -28.26 1.10
N ALA C 236 7.02 -29.01 0.38
CA ALA C 236 8.47 -29.05 0.65
C ALA C 236 9.28 -28.59 -0.56
N LEU C 237 10.28 -27.74 -0.30
CA LEU C 237 11.24 -27.34 -1.30
C LEU C 237 12.49 -28.11 -1.07
N SER C 238 12.99 -28.77 -2.10
CA SER C 238 14.13 -29.66 -1.93
C SER C 238 15.23 -29.45 -2.94
N ALA C 239 16.42 -29.91 -2.56
CA ALA C 239 17.59 -30.00 -3.43
C ALA C 239 18.13 -31.40 -3.48
N VAL C 240 18.72 -31.76 -4.62
CA VAL C 240 19.58 -32.93 -4.72
C VAL C 240 20.95 -32.41 -5.11
N GLN C 241 21.99 -32.88 -4.42
CA GLN C 241 23.34 -32.41 -4.65
C GLN C 241 24.34 -33.52 -4.28
N PRO C 242 25.61 -33.42 -4.74
CA PRO C 242 26.56 -34.52 -4.44
C PRO C 242 26.86 -34.64 -2.95
N LEU C 243 27.10 -35.86 -2.50
CA LEU C 243 27.35 -36.18 -1.10
C LEU C 243 28.42 -35.33 -0.44
N GLN C 244 29.44 -34.96 -1.23
CA GLN C 244 30.58 -34.19 -0.72
C GLN C 244 30.30 -32.70 -0.46
N ASN C 245 29.27 -32.13 -1.08
CA ASN C 245 28.97 -30.68 -0.92
C ASN C 245 28.46 -30.34 0.49
N ALA C 246 28.71 -29.11 0.95
CA ALA C 246 28.25 -28.68 2.28
C ALA C 246 26.73 -28.61 2.29
N VAL C 247 26.12 -29.08 3.37
CA VAL C 247 24.67 -29.11 3.51
C VAL C 247 24.11 -27.74 3.93
N GLU C 248 24.75 -27.12 4.91
CA GLU C 248 24.23 -25.91 5.55
C GLU C 248 23.95 -24.74 4.57
N PRO C 249 24.87 -24.42 3.63
CA PRO C 249 24.56 -23.33 2.69
C PRO C 249 23.35 -23.61 1.80
N THR C 250 23.15 -24.86 1.43
CA THR C 250 22.01 -25.23 0.61
C THR C 250 20.73 -25.15 1.45
N VAL C 251 20.79 -25.57 2.71
CA VAL C 251 19.64 -25.35 3.64
C VAL C 251 19.22 -23.89 3.69
N GLU C 252 20.17 -22.97 3.86
CA GLU C 252 19.89 -21.52 3.89
C GLU C 252 19.28 -21.00 2.61
N ILE C 253 19.85 -21.40 1.48
CA ILE C 253 19.33 -21.00 0.18
C ILE C 253 17.89 -21.48 0.00
N LEU C 254 17.62 -22.75 0.33
CA LEU C 254 16.26 -23.30 0.26
C LEU C 254 15.28 -22.57 1.20
N ARG C 255 15.75 -22.23 2.40
CA ARG C 255 14.93 -21.49 3.36
C ARG C 255 14.53 -20.12 2.86
N GLU C 256 15.48 -19.43 2.24
CA GLU C 256 15.21 -18.10 1.66
C GLU C 256 14.18 -18.20 0.56
N ALA C 257 14.28 -19.22 -0.27
CA ALA C 257 13.31 -19.47 -1.32
C ALA C 257 11.92 -19.77 -0.73
N ALA C 258 11.87 -20.61 0.29
CA ALA C 258 10.60 -20.96 0.94
C ALA C 258 9.91 -19.73 1.54
N VAL C 259 10.70 -18.86 2.14
CA VAL C 259 10.23 -17.58 2.67
C VAL C 259 9.74 -16.67 1.52
N GLY C 260 10.51 -16.59 0.44
CA GLY C 260 10.08 -15.87 -0.78
C GLY C 260 8.77 -16.36 -1.37
N ILE C 261 8.60 -17.67 -1.46
CA ILE C 261 7.35 -18.27 -1.98
C ILE C 261 6.18 -17.88 -1.05
N GLU C 262 6.36 -18.07 0.26
CA GLU C 262 5.33 -17.67 1.23
C GLU C 262 4.92 -16.19 1.05
N THR C 263 5.91 -15.32 0.93
CA THR C 263 5.71 -13.88 0.77
C THR C 263 4.87 -13.56 -0.45
N ASP C 264 5.20 -14.21 -1.58
CA ASP C 264 4.46 -14.02 -2.82
C ASP C 264 3.03 -14.55 -2.75
N LEU C 265 2.81 -15.69 -2.08
CA LEU C 265 1.43 -16.19 -1.85
C LEU C 265 0.54 -15.21 -1.03
N ARG C 266 1.15 -14.49 -0.09
CA ARG C 266 0.44 -13.57 0.81
C ARG C 266 0.15 -12.21 0.14
N ALA C 267 1.01 -11.77 -0.78
CA ALA C 267 0.77 -10.52 -1.54
C ALA C 267 0.06 -10.80 -2.89
N SER C 268 -1.27 -10.64 -2.90
CA SER C 268 -2.11 -10.87 -4.08
C SER C 268 -2.73 -9.58 -4.58
N SER D 26 -26.21 -26.66 -26.47
CA SER D 26 -26.39 -27.63 -27.62
C SER D 26 -25.72 -28.99 -27.32
N GLY D 27 -24.45 -28.90 -26.88
CA GLY D 27 -23.72 -29.97 -26.18
C GLY D 27 -22.70 -30.78 -27.00
N ASP D 28 -22.66 -30.57 -28.32
CA ASP D 28 -21.84 -31.43 -29.22
C ASP D 28 -20.59 -30.80 -29.86
N SER D 29 -20.36 -29.49 -29.65
CA SER D 29 -19.12 -28.85 -30.11
C SER D 29 -17.91 -29.32 -29.30
N MET D 30 -16.71 -29.17 -29.88
CA MET D 30 -15.43 -29.47 -29.19
C MET D 30 -15.34 -28.70 -27.85
N LEU D 31 -15.59 -27.39 -27.93
CA LEU D 31 -15.46 -26.49 -26.78
C LEU D 31 -16.42 -26.84 -25.65
N ALA D 32 -17.67 -27.12 -25.98
CA ALA D 32 -18.66 -27.49 -24.97
C ALA D 32 -18.24 -28.76 -24.25
N ARG D 33 -17.58 -29.65 -24.99
CA ARG D 33 -17.10 -30.92 -24.43
C ARG D 33 -15.84 -30.73 -23.58
N VAL D 34 -14.93 -29.88 -24.05
CA VAL D 34 -13.74 -29.49 -23.26
C VAL D 34 -14.16 -28.92 -21.89
N VAL D 35 -15.12 -27.98 -21.89
CA VAL D 35 -15.62 -27.42 -20.63
C VAL D 35 -16.18 -28.50 -19.72
N ARG D 36 -16.98 -29.42 -20.27
CA ARG D 36 -17.61 -30.47 -19.44
C ARG D 36 -16.56 -31.36 -18.77
N VAL D 37 -15.43 -31.58 -19.47
CA VAL D 37 -14.28 -32.32 -18.92
C VAL D 37 -13.63 -31.60 -17.73
N LEU D 38 -13.34 -30.31 -17.91
CA LEU D 38 -12.73 -29.52 -16.83
C LEU D 38 -13.57 -29.57 -15.56
N GLU D 39 -14.89 -29.59 -15.72
CA GLU D 39 -15.82 -29.63 -14.59
C GLU D 39 -15.87 -30.92 -13.78
N THR D 40 -15.30 -32.00 -14.32
CA THR D 40 -15.14 -33.24 -13.56
C THR D 40 -14.08 -33.12 -12.48
N PHE D 41 -13.12 -32.19 -12.65
CA PHE D 41 -12.10 -31.95 -11.63
C PHE D 41 -12.68 -31.09 -10.53
N ASN D 42 -12.12 -31.23 -9.32
CA ASN D 42 -12.40 -30.30 -8.23
C ASN D 42 -11.24 -30.34 -7.21
N VAL D 43 -11.38 -29.57 -6.14
CA VAL D 43 -10.40 -29.50 -5.06
C VAL D 43 -9.93 -30.87 -4.53
N ASP D 44 -10.85 -31.85 -4.47
CA ASP D 44 -10.53 -33.23 -4.05
C ASP D 44 -10.10 -34.14 -5.20
N ARG D 45 -10.73 -33.99 -6.37
CA ARG D 45 -10.37 -34.76 -7.55
C ARG D 45 -9.38 -33.97 -8.40
N THR D 46 -8.11 -33.99 -7.98
CA THR D 46 -7.00 -33.38 -8.73
C THR D 46 -6.56 -34.30 -9.89
N ALA D 47 -6.47 -35.59 -9.63
CA ALA D 47 -5.96 -36.55 -10.62
C ALA D 47 -7.01 -37.58 -11.00
N GLN D 48 -7.26 -37.73 -12.29
CA GLN D 48 -8.19 -38.72 -12.82
C GLN D 48 -7.51 -39.53 -13.92
N THR D 49 -8.27 -40.46 -14.51
CA THR D 49 -7.89 -41.16 -15.74
C THR D 49 -8.83 -40.71 -16.87
N ALA D 50 -8.39 -40.88 -18.12
CA ALA D 50 -9.17 -40.47 -19.30
C ALA D 50 -10.54 -41.14 -19.39
N SER D 51 -10.60 -42.42 -19.01
CA SER D 51 -11.85 -43.18 -18.98
C SER D 51 -12.75 -42.80 -17.79
N ASP D 52 -12.17 -42.55 -16.62
CA ASP D 52 -12.93 -42.07 -15.45
C ASP D 52 -13.52 -40.66 -15.65
N ILE D 53 -12.92 -39.90 -16.57
CA ILE D 53 -13.46 -38.61 -17.04
C ILE D 53 -14.64 -38.84 -17.97
N GLY D 54 -14.53 -39.83 -18.84
CA GLY D 54 -15.68 -40.31 -19.61
C GLY D 54 -16.86 -40.65 -18.70
N ARG D 55 -16.57 -41.39 -17.61
CA ARG D 55 -17.58 -41.80 -16.61
C ARG D 55 -18.26 -40.58 -15.97
N ARG D 56 -17.48 -39.71 -15.33
CA ARG D 56 -18.03 -38.59 -14.53
C ARG D 56 -18.61 -37.44 -15.37
N ALA D 57 -18.07 -37.22 -16.58
CA ALA D 57 -18.64 -36.25 -17.52
C ALA D 57 -19.75 -36.83 -18.39
N ALA D 58 -20.01 -38.13 -18.25
CA ALA D 58 -21.00 -38.86 -19.07
C ALA D 58 -20.72 -38.69 -20.57
N LEU D 59 -19.47 -38.98 -20.97
CA LEU D 59 -19.06 -39.05 -22.39
C LEU D 59 -18.65 -40.48 -22.77
N PRO D 60 -18.95 -40.90 -24.02
CA PRO D 60 -18.41 -42.19 -24.50
C PRO D 60 -16.87 -42.19 -24.57
N SER D 61 -16.25 -43.27 -24.11
CA SER D 61 -14.79 -43.33 -23.91
C SER D 61 -13.94 -42.98 -25.14
N SER D 62 -14.40 -43.37 -26.33
CA SER D 62 -13.68 -43.07 -27.57
C SER D 62 -13.61 -41.55 -27.83
N THR D 63 -14.76 -40.89 -27.71
CA THR D 63 -14.85 -39.43 -27.83
C THR D 63 -14.17 -38.70 -26.63
N ALA D 64 -14.21 -39.32 -25.44
CA ALA D 64 -13.53 -38.82 -24.24
C ALA D 64 -12.00 -38.77 -24.38
N HIS D 65 -11.41 -39.87 -24.84
CA HIS D 65 -9.96 -39.94 -25.05
C HIS D 65 -9.46 -38.95 -26.14
N ARG D 66 -10.30 -38.64 -27.11
CA ARG D 66 -9.94 -37.62 -28.11
C ARG D 66 -9.90 -36.20 -27.53
N VAL D 67 -10.95 -35.82 -26.80
CA VAL D 67 -11.03 -34.47 -26.21
C VAL D 67 -9.90 -34.26 -25.19
N VAL D 68 -9.67 -35.24 -24.31
CA VAL D 68 -8.58 -35.18 -23.31
C VAL D 68 -7.22 -34.98 -23.98
N ASP D 69 -6.93 -35.82 -24.96
CA ASP D 69 -5.65 -35.76 -25.67
C ASP D 69 -5.39 -34.40 -26.27
N GLU D 70 -6.41 -33.77 -26.84
CA GLU D 70 -6.27 -32.43 -27.41
C GLU D 70 -6.08 -31.39 -26.27
N MET D 71 -6.85 -31.51 -25.19
CA MET D 71 -6.68 -30.67 -23.99
C MET D 71 -5.24 -30.79 -23.43
N VAL D 72 -4.73 -32.02 -23.38
CA VAL D 72 -3.32 -32.26 -22.95
C VAL D 72 -2.32 -31.67 -23.93
N LEU D 73 -2.61 -31.77 -25.22
CA LEU D 73 -1.74 -31.21 -26.26
C LEU D 73 -1.53 -29.68 -26.10
N VAL D 74 -2.63 -28.94 -26.00
CA VAL D 74 -2.59 -27.47 -25.76
C VAL D 74 -2.25 -27.06 -24.29
N GLY D 75 -2.13 -28.02 -23.37
CA GLY D 75 -1.65 -27.76 -22.01
C GLY D 75 -2.71 -27.39 -20.98
N ILE D 76 -3.98 -27.45 -21.36
CA ILE D 76 -5.12 -27.22 -20.47
C ILE D 76 -5.23 -28.35 -19.44
N LEU D 77 -4.82 -29.55 -19.84
CA LEU D 77 -4.55 -30.65 -18.90
C LEU D 77 -3.09 -31.06 -19.02
N GLU D 78 -2.60 -31.76 -18.00
CA GLU D 78 -1.24 -32.34 -17.97
C GLU D 78 -1.31 -33.81 -17.55
N ARG D 79 -0.51 -34.64 -18.21
CA ARG D 79 -0.46 -36.09 -17.93
C ARG D 79 0.97 -36.57 -17.79
N GLY D 80 1.24 -37.37 -16.75
CA GLY D 80 2.53 -38.01 -16.57
C GLY D 80 2.61 -39.39 -17.22
N ILE D 81 3.76 -40.05 -17.03
CA ILE D 81 3.96 -41.48 -17.43
C ILE D 81 2.91 -42.43 -16.79
N ASP D 82 2.46 -42.14 -15.57
CA ASP D 82 1.49 -43.01 -14.86
C ASP D 82 0.00 -42.90 -15.29
N GLY D 83 -0.27 -42.33 -16.47
CA GLY D 83 -1.64 -42.20 -16.98
C GLY D 83 -2.50 -41.10 -16.37
N LYS D 84 -2.07 -40.52 -15.26
CA LYS D 84 -2.91 -39.66 -14.44
C LYS D 84 -2.99 -38.25 -15.08
N VAL D 85 -4.22 -37.75 -15.24
CA VAL D 85 -4.48 -36.41 -15.85
C VAL D 85 -4.92 -35.39 -14.79
N ARG D 86 -4.44 -34.16 -14.96
CA ARG D 86 -4.63 -33.05 -13.99
C ARG D 86 -4.91 -31.76 -14.76
N LEU D 87 -5.51 -30.78 -14.08
CA LEU D 87 -5.66 -29.44 -14.65
C LEU D 87 -4.25 -28.89 -14.87
N GLY D 88 -4.02 -28.30 -16.03
CA GLY D 88 -2.67 -27.91 -16.46
C GLY D 88 -2.34 -26.46 -16.16
N MET D 89 -1.04 -26.16 -16.09
CA MET D 89 -0.55 -24.79 -15.85
C MET D 89 -1.08 -23.76 -16.87
N ARG D 90 -1.26 -24.16 -18.13
CA ARG D 90 -1.73 -23.19 -19.12
C ARG D 90 -3.16 -22.68 -18.81
N LEU D 91 -4.01 -23.54 -18.26
CA LEU D 91 -5.34 -23.13 -17.81
C LEU D 91 -5.24 -22.03 -16.77
N TRP D 92 -4.31 -22.18 -15.82
CA TRP D 92 -4.10 -21.23 -14.73
C TRP D 92 -3.58 -19.92 -15.28
N GLU D 93 -2.54 -19.98 -16.09
CA GLU D 93 -1.97 -18.79 -16.74
C GLU D 93 -2.97 -18.05 -17.64
N LEU D 94 -3.84 -18.78 -18.32
CA LEU D 94 -4.88 -18.14 -19.14
C LEU D 94 -5.88 -17.38 -18.26
N ALA D 95 -6.31 -18.01 -17.16
CA ALA D 95 -7.24 -17.37 -16.24
C ALA D 95 -6.64 -16.12 -15.60
N LEU D 96 -5.35 -16.19 -15.25
CA LEU D 96 -4.63 -15.03 -14.67
C LEU D 96 -4.62 -13.76 -15.54
N ARG D 97 -4.78 -13.92 -16.85
CA ARG D 97 -4.90 -12.79 -17.77
C ARG D 97 -6.05 -11.85 -17.44
N GLY D 98 -7.02 -12.29 -16.62
CA GLY D 98 -8.07 -11.39 -16.17
C GLY D 98 -8.35 -11.54 -14.70
N SER D 99 -7.34 -11.94 -13.91
CA SER D 99 -7.56 -12.34 -12.51
C SER D 99 -8.10 -11.23 -11.58
N MET D 100 -7.53 -10.01 -11.66
CA MET D 100 -7.95 -8.96 -10.70
C MET D 100 -9.45 -8.76 -10.84
N ALA D 101 -9.91 -8.47 -12.06
CA ALA D 101 -11.33 -8.26 -12.27
C ALA D 101 -12.19 -9.47 -11.83
N LEU D 102 -11.75 -10.66 -12.19
CA LEU D 102 -12.52 -11.88 -11.90
C LEU D 102 -12.56 -12.15 -10.40
N ARG D 103 -11.40 -12.08 -9.75
CA ARG D 103 -11.36 -12.30 -8.30
C ARG D 103 -12.15 -11.22 -7.56
N LEU D 104 -12.09 -9.98 -8.05
CA LEU D 104 -12.79 -8.88 -7.40
C LEU D 104 -14.29 -9.12 -7.47
N ARG D 105 -14.78 -9.51 -8.66
CA ARG D 105 -16.23 -9.83 -8.84
C ARG D 105 -16.72 -10.95 -7.93
N GLN D 106 -15.96 -12.04 -7.92
CA GLN D 106 -16.27 -13.19 -7.09
C GLN D 106 -16.43 -12.77 -5.65
N VAL D 107 -15.43 -12.06 -5.13
CA VAL D 107 -15.45 -11.58 -3.73
C VAL D 107 -16.55 -10.54 -3.48
N ALA D 108 -16.73 -9.61 -4.42
CA ALA D 108 -17.68 -8.48 -4.21
C ALA D 108 -19.14 -8.88 -4.19
N LEU D 109 -19.49 -9.86 -4.99
CA LEU D 109 -20.90 -10.22 -5.22
C LEU D 109 -21.77 -10.45 -3.97
N PRO D 110 -21.31 -11.25 -2.99
CA PRO D 110 -22.14 -11.41 -1.77
C PRO D 110 -22.37 -10.10 -1.00
N HIS D 111 -21.33 -9.28 -0.94
CA HIS D 111 -21.44 -8.00 -0.23
C HIS D 111 -22.38 -7.07 -0.97
N MET D 112 -22.37 -7.13 -2.30
CA MET D 112 -23.30 -6.33 -3.12
C MET D 112 -24.76 -6.72 -2.91
N GLU D 113 -25.01 -8.03 -2.83
CA GLU D 113 -26.37 -8.57 -2.57
C GLU D 113 -26.89 -8.12 -1.22
N ARG D 114 -26.00 -8.06 -0.23
CA ARG D 114 -26.34 -7.50 1.08
C ARG D 114 -26.73 -6.02 0.94
N VAL D 115 -25.99 -5.25 0.14
CA VAL D 115 -26.36 -3.85 -0.11
C VAL D 115 -27.76 -3.79 -0.77
N GLN D 116 -28.00 -4.66 -1.74
CA GLN D 116 -29.30 -4.70 -2.42
C GLN D 116 -30.45 -4.94 -1.45
N GLN D 117 -30.28 -5.87 -0.52
CA GLN D 117 -31.30 -6.13 0.51
C GLN D 117 -31.66 -4.90 1.33
N ARG D 118 -30.66 -4.09 1.64
CA ARG D 118 -30.82 -2.97 2.58
C ARG D 118 -31.31 -1.71 1.89
N VAL D 119 -30.75 -1.40 0.72
CA VAL D 119 -31.07 -0.16 -0.02
C VAL D 119 -32.23 -0.36 -1.01
N ARG D 120 -32.26 -1.53 -1.64
CA ARG D 120 -33.34 -1.92 -2.56
C ARG D 120 -33.41 -1.01 -3.80
N GLU D 121 -32.23 -0.63 -4.29
CA GLU D 121 -32.12 0.17 -5.50
C GLU D 121 -31.09 -0.52 -6.39
N HIS D 122 -29.97 0.14 -6.70
CA HIS D 122 -28.97 -0.43 -7.60
C HIS D 122 -27.59 -0.34 -6.96
N THR D 123 -26.79 -1.37 -7.13
CA THR D 123 -25.41 -1.42 -6.62
C THR D 123 -24.51 -1.87 -7.75
N GLN D 124 -23.38 -1.19 -7.91
CA GLN D 124 -22.48 -1.44 -9.03
C GLN D 124 -21.03 -1.52 -8.54
N LEU D 125 -20.21 -2.20 -9.33
CA LEU D 125 -18.77 -2.34 -9.06
C LEU D 125 -18.05 -1.94 -10.34
N ALA D 126 -17.02 -1.12 -10.20
CA ALA D 126 -16.33 -0.57 -11.38
C ALA D 126 -14.85 -0.41 -11.18
N VAL D 127 -14.12 -0.53 -12.28
CA VAL D 127 -12.69 -0.27 -12.31
C VAL D 127 -12.34 0.77 -13.38
N LEU D 128 -11.15 1.32 -13.25
CA LEU D 128 -10.59 2.21 -14.22
C LEU D 128 -9.60 1.44 -15.08
N GLU D 129 -9.73 1.52 -16.40
CA GLU D 129 -8.71 0.94 -17.30
C GLU D 129 -8.47 1.91 -18.42
N HIS D 130 -7.19 2.27 -18.65
CA HIS D 130 -6.80 3.34 -19.60
C HIS D 130 -7.65 4.58 -19.45
N ASN D 131 -7.86 4.99 -18.20
CA ASN D 131 -8.66 6.19 -17.85
C ASN D 131 -10.13 6.16 -18.36
N GLU D 132 -10.68 4.95 -18.48
CA GLU D 132 -12.09 4.72 -18.79
C GLU D 132 -12.65 3.88 -17.66
N VAL D 133 -13.92 4.10 -17.32
CA VAL D 133 -14.61 3.35 -16.26
C VAL D 133 -15.24 2.12 -16.86
N LEU D 134 -14.85 0.94 -16.38
CA LEU D 134 -15.50 -0.32 -16.78
C LEU D 134 -16.34 -0.80 -15.63
N PHE D 135 -17.65 -0.92 -15.87
CA PHE D 135 -18.57 -1.52 -14.89
C PHE D 135 -18.49 -3.03 -14.98
N LEU D 136 -18.18 -3.66 -13.86
CA LEU D 136 -17.98 -5.11 -13.82
C LEU D 136 -19.22 -5.87 -13.39
N GLU D 137 -20.09 -5.20 -12.65
CA GLU D 137 -21.24 -5.82 -12.02
C GLU D 137 -22.28 -4.75 -11.71
N ARG D 138 -23.56 -5.03 -12.00
CA ARG D 138 -24.68 -4.13 -11.68
C ARG D 138 -25.86 -4.94 -11.26
N LEU D 139 -26.34 -4.71 -10.03
CA LEU D 139 -27.54 -5.36 -9.50
C LEU D 139 -28.65 -4.35 -9.36
N SER D 140 -29.83 -4.66 -9.90
CA SER D 140 -31.03 -3.81 -9.80
C SER D 140 -32.14 -4.54 -9.07
N HIS D 141 -32.68 -3.94 -8.02
CA HIS D 141 -33.75 -4.53 -7.22
C HIS D 141 -35.07 -4.27 -7.94
N HIS D 142 -36.01 -5.22 -7.81
CA HIS D 142 -37.29 -5.17 -8.56
C HIS D 142 -38.13 -3.95 -8.20
N GLU D 143 -38.13 -3.59 -6.92
CA GLU D 143 -38.81 -2.40 -6.41
C GLU D 143 -38.01 -1.07 -6.51
N ALA D 144 -36.90 -1.05 -7.26
CA ALA D 144 -36.08 0.18 -7.42
C ALA D 144 -36.85 1.36 -8.04
N VAL D 145 -36.85 2.49 -7.35
CA VAL D 145 -37.56 3.69 -7.79
C VAL D 145 -36.72 4.44 -8.84
N SER D 146 -35.41 4.59 -8.59
CA SER D 146 -34.49 5.19 -9.56
C SER D 146 -34.25 4.25 -10.72
N ASN D 147 -33.81 4.82 -11.84
CA ASN D 147 -33.44 4.08 -13.05
C ASN D 147 -31.93 4.21 -13.37
N LEU D 148 -31.34 3.09 -13.81
CA LEU D 148 -29.99 3.08 -14.35
C LEU D 148 -29.91 3.70 -15.74
N ALA D 149 -28.69 4.09 -16.11
CA ALA D 149 -28.45 4.71 -17.40
C ALA D 149 -28.81 3.70 -18.49
N ARG D 150 -29.56 4.17 -19.48
CA ARG D 150 -29.84 3.42 -20.69
C ARG D 150 -29.07 4.11 -21.79
N VAL D 151 -27.75 4.09 -21.64
CA VAL D 151 -26.87 4.44 -22.71
C VAL D 151 -26.14 3.11 -22.96
N ALA D 152 -26.02 2.79 -24.25
CA ALA D 152 -25.61 1.49 -24.73
C ALA D 152 -24.08 1.34 -24.56
N GLY D 153 -23.35 2.29 -25.12
CA GLY D 153 -21.89 2.36 -25.01
C GLY D 153 -21.45 2.92 -23.68
N ARG D 154 -20.15 3.24 -23.60
CA ARG D 154 -19.49 3.54 -22.34
C ARG D 154 -19.49 5.03 -21.98
N LEU D 155 -19.96 5.36 -20.78
CA LEU D 155 -19.84 6.70 -20.19
C LEU D 155 -18.34 7.03 -19.91
N PRO D 156 -17.92 8.27 -20.16
CA PRO D 156 -16.56 8.70 -19.74
C PRO D 156 -16.36 8.89 -18.23
N VAL D 157 -15.11 9.07 -17.85
CA VAL D 157 -14.65 9.06 -16.45
C VAL D 157 -15.27 10.13 -15.53
N HIS D 158 -15.58 11.31 -16.05
CA HIS D 158 -16.23 12.39 -15.27
C HIS D 158 -17.75 12.23 -15.20
N ALA D 159 -18.33 11.22 -15.86
CA ALA D 159 -19.80 11.10 -16.02
C ALA D 159 -20.51 10.10 -15.10
N SER D 160 -19.84 9.61 -14.05
CA SER D 160 -20.48 8.74 -13.07
C SER D 160 -19.81 8.93 -11.73
N SER D 161 -20.50 8.57 -10.66
CA SER D 161 -19.91 8.66 -9.32
C SER D 161 -18.68 7.78 -9.23
N SER D 162 -18.75 6.63 -9.91
CA SER D 162 -17.64 5.67 -9.93
C SER D 162 -16.38 6.29 -10.53
N GLY D 163 -16.53 6.94 -11.67
CA GLY D 163 -15.43 7.57 -12.36
C GLY D 163 -14.84 8.70 -11.57
N LEU D 164 -15.70 9.49 -10.93
CA LEU D 164 -15.23 10.54 -10.01
C LEU D 164 -14.39 9.95 -8.85
N MET D 165 -14.87 8.88 -8.23
CA MET D 165 -14.19 8.27 -7.07
C MET D 165 -12.82 7.72 -7.49
N LEU D 166 -12.81 7.02 -8.61
CA LEU D 166 -11.58 6.46 -9.16
C LEU D 166 -10.60 7.55 -9.57
N LEU D 167 -11.10 8.58 -10.27
CA LEU D 167 -10.27 9.70 -10.69
C LEU D 167 -9.70 10.47 -9.51
N ALA D 168 -10.46 10.57 -8.43
CA ALA D 168 -9.98 11.26 -7.22
C ALA D 168 -8.73 10.61 -6.63
N HIS D 169 -8.56 9.31 -6.84
CA HIS D 169 -7.39 8.56 -6.38
C HIS D 169 -6.32 8.34 -7.44
N ALA D 170 -6.54 8.80 -8.67
CA ALA D 170 -5.50 8.74 -9.67
C ALA D 170 -4.53 9.90 -9.41
N GLY D 171 -3.34 9.84 -9.99
CA GLY D 171 -2.39 10.96 -9.84
C GLY D 171 -3.00 12.30 -10.26
N PRO D 172 -2.54 13.42 -9.63
CA PRO D 172 -2.82 14.74 -10.18
C PRO D 172 -2.47 14.83 -11.66
N GLU D 173 -1.40 14.14 -12.05
CA GLU D 173 -1.02 13.93 -13.45
C GLU D 173 -2.22 13.48 -14.31
N VAL D 174 -2.84 12.40 -13.88
CA VAL D 174 -3.99 11.83 -14.59
C VAL D 174 -5.15 12.82 -14.52
N ARG D 175 -5.37 13.44 -13.36
CA ARG D 175 -6.44 14.45 -13.24
C ARG D 175 -6.30 15.57 -14.26
N GLU D 176 -5.10 16.14 -14.37
CA GLU D 176 -4.89 17.25 -15.31
C GLU D 176 -4.96 16.83 -16.78
N GLU D 177 -4.57 15.59 -17.09
CA GLU D 177 -4.82 15.03 -18.44
C GLU D 177 -6.31 15.00 -18.79
N VAL D 178 -7.12 14.37 -17.93
CA VAL D 178 -8.58 14.32 -18.09
C VAL D 178 -9.19 15.69 -18.23
N LEU D 179 -8.76 16.63 -17.39
CA LEU D 179 -9.32 17.99 -17.40
C LEU D 179 -8.83 18.87 -18.55
N SER D 180 -7.76 18.47 -19.22
CA SER D 180 -7.31 19.19 -20.43
C SER D 180 -8.19 18.96 -21.68
N LYS D 181 -9.05 17.94 -21.67
CA LYS D 181 -9.94 17.66 -22.80
C LYS D 181 -11.34 18.18 -22.51
N PRO D 182 -12.14 18.46 -23.56
CA PRO D 182 -13.53 18.84 -23.27
C PRO D 182 -14.25 17.73 -22.54
N LEU D 183 -15.14 18.14 -21.65
CA LEU D 183 -15.90 17.24 -20.84
C LEU D 183 -17.34 17.48 -21.20
N PRO D 184 -17.94 16.57 -21.99
CA PRO D 184 -19.38 16.75 -22.27
C PRO D 184 -20.26 16.65 -21.02
N ARG D 185 -21.36 17.39 -21.04
CA ARG D 185 -22.43 17.25 -20.08
C ARG D 185 -23.28 16.04 -20.49
N VAL D 186 -22.89 14.87 -20.02
CA VAL D 186 -23.49 13.60 -20.43
C VAL D 186 -24.91 13.45 -19.91
N GLY D 187 -25.13 13.82 -18.65
CA GLY D 187 -26.47 13.83 -18.05
C GLY D 187 -26.85 15.22 -17.59
N PRO D 188 -28.08 15.39 -17.06
CA PRO D 188 -28.58 16.72 -16.64
C PRO D 188 -27.63 17.42 -15.66
N GLY D 189 -27.16 16.69 -14.66
CA GLY D 189 -26.37 17.25 -13.58
C GLY D 189 -24.86 17.11 -13.72
N THR D 190 -24.39 16.56 -14.83
CA THR D 190 -22.93 16.28 -14.99
C THR D 190 -22.11 17.56 -14.88
N VAL D 191 -21.17 17.59 -13.93
CA VAL D 191 -20.28 18.73 -13.74
C VAL D 191 -19.19 18.65 -14.81
N THR D 192 -19.01 19.76 -15.53
CA THR D 192 -18.00 19.86 -16.56
C THR D 192 -17.00 21.01 -16.32
N ASP D 193 -17.33 21.96 -15.45
CA ASP D 193 -16.39 23.03 -15.10
C ASP D 193 -15.12 22.44 -14.45
N PRO D 194 -13.93 22.63 -15.07
CA PRO D 194 -12.70 22.06 -14.53
C PRO D 194 -12.36 22.45 -13.08
N GLU D 195 -12.65 23.69 -12.69
CA GLU D 195 -12.39 24.14 -11.31
C GLU D 195 -13.33 23.50 -10.33
N ALA D 196 -14.62 23.43 -10.67
CA ALA D 196 -15.59 22.73 -9.83
C ALA D 196 -15.19 21.26 -9.71
N LEU D 197 -14.69 20.67 -10.80
CA LEU D 197 -14.21 19.28 -10.75
C LEU D 197 -12.99 19.09 -9.84
N ARG D 198 -12.03 19.98 -9.89
CA ARG D 198 -10.88 19.89 -8.99
C ARG D 198 -11.31 19.93 -7.52
N ARG D 199 -12.32 20.74 -7.21
CA ARG D 199 -12.81 20.91 -5.84
C ARG D 199 -13.57 19.67 -5.40
N LEU D 200 -14.41 19.17 -6.27
CA LEU D 200 -15.18 17.94 -6.07
C LEU D 200 -14.27 16.71 -5.84
N LEU D 201 -13.27 16.58 -6.68
CA LEU D 201 -12.32 15.48 -6.59
C LEU D 201 -11.45 15.55 -5.33
N ALA D 202 -10.98 16.75 -5.00
CA ALA D 202 -10.21 16.96 -3.77
C ALA D 202 -11.01 16.55 -2.55
N ASN D 203 -12.27 16.97 -2.50
CA ASN D 203 -13.16 16.65 -1.37
C ASN D 203 -13.45 15.16 -1.28
N ALA D 204 -13.72 14.53 -2.45
CA ALA D 204 -13.94 13.09 -2.53
C ALA D 204 -12.77 12.29 -2.00
N TYR D 205 -11.56 12.72 -2.36
CA TYR D 205 -10.32 12.08 -1.89
C TYR D 205 -10.20 12.08 -0.37
N ARG D 206 -10.50 13.20 0.27
CA ARG D 206 -10.42 13.29 1.73
C ARG D 206 -11.58 12.61 2.45
N ALA D 207 -12.79 12.78 1.94
CA ALA D 207 -13.99 12.26 2.58
C ALA D 207 -14.26 10.78 2.40
N GLY D 208 -13.68 10.15 1.37
CA GLY D 208 -13.89 8.71 1.16
C GLY D 208 -15.22 8.34 0.52
N TYR D 209 -15.87 9.32 -0.13
CA TYR D 209 -17.03 9.06 -1.01
C TYR D 209 -17.26 10.25 -1.94
N VAL D 210 -18.06 10.06 -2.97
CA VAL D 210 -18.56 11.16 -3.81
C VAL D 210 -19.99 10.90 -4.19
N ALA D 211 -20.68 12.00 -4.46
CA ALA D 211 -22.05 12.00 -4.92
C ALA D 211 -22.06 12.58 -6.33
N ALA D 212 -23.01 12.11 -7.14
CA ALA D 212 -23.16 12.55 -8.50
C ALA D 212 -24.63 12.82 -8.82
N PRO D 213 -25.20 13.90 -8.20
CA PRO D 213 -26.62 14.15 -8.36
C PRO D 213 -26.97 14.52 -9.78
N GLY D 214 -28.01 13.88 -10.29
CA GLY D 214 -28.51 14.17 -11.62
C GLY D 214 -27.71 13.68 -12.79
N TYR D 215 -26.68 12.85 -12.57
CA TYR D 215 -25.78 12.45 -13.66
C TYR D 215 -26.43 11.50 -14.67
N ILE D 216 -27.47 10.78 -14.25
CA ILE D 216 -28.18 9.81 -15.08
C ILE D 216 -29.54 10.38 -15.41
N GLU D 217 -30.33 10.66 -14.38
CA GLU D 217 -31.61 11.37 -14.54
C GLU D 217 -31.71 12.45 -13.45
N ALA D 218 -32.45 13.51 -13.73
CA ALA D 218 -32.59 14.62 -12.80
C ALA D 218 -33.20 14.23 -11.44
N VAL D 219 -33.94 13.11 -11.38
CA VAL D 219 -34.58 12.64 -10.14
C VAL D 219 -33.78 11.58 -9.37
N ALA D 220 -32.53 11.34 -9.77
CA ALA D 220 -31.68 10.32 -9.16
C ALA D 220 -30.30 10.85 -8.87
N THR D 221 -29.63 10.22 -7.91
CA THR D 221 -28.21 10.49 -7.63
C THR D 221 -27.43 9.21 -7.66
N GLY D 222 -26.10 9.37 -7.62
CA GLY D 222 -25.19 8.25 -7.58
C GLY D 222 -24.16 8.52 -6.53
N ILE D 223 -23.82 7.49 -5.77
CA ILE D 223 -22.90 7.60 -4.65
C ILE D 223 -21.87 6.51 -4.80
N ALA D 224 -20.58 6.83 -4.61
CA ALA D 224 -19.52 5.81 -4.70
C ALA D 224 -18.53 5.93 -3.56
N VAL D 225 -17.96 4.78 -3.18
CA VAL D 225 -16.89 4.69 -2.20
C VAL D 225 -15.75 3.85 -2.80
N PRO D 226 -14.51 4.06 -2.30
CA PRO D 226 -13.40 3.31 -2.85
C PRO D 226 -13.29 1.89 -2.25
N ILE D 227 -12.62 1.01 -3.00
CA ILE D 227 -12.22 -0.31 -2.53
C ILE D 227 -10.71 -0.36 -2.69
N ARG D 228 -10.02 -0.69 -1.59
CA ARG D 228 -8.56 -0.76 -1.55
C ARG D 228 -8.02 -2.21 -1.55
N SER D 229 -6.87 -2.42 -2.20
CA SER D 229 -6.06 -3.63 -2.03
C SER D 229 -4.59 -3.20 -1.90
N GLU D 230 -3.89 -3.73 -0.88
CA GLU D 230 -2.46 -3.44 -0.68
C GLU D 230 -2.19 -1.92 -0.70
N GLY D 231 -3.07 -1.17 -0.06
CA GLY D 231 -3.00 0.30 -0.05
C GLY D 231 -3.49 1.10 -1.25
N VAL D 232 -3.79 0.46 -2.39
CA VAL D 232 -4.16 1.20 -3.60
C VAL D 232 -5.69 1.08 -3.84
N VAL D 233 -6.33 2.19 -4.20
CA VAL D 233 -7.74 2.14 -4.57
C VAL D 233 -7.82 1.45 -5.93
N ILE D 234 -8.39 0.25 -5.95
CA ILE D 234 -8.48 -0.54 -7.17
C ILE D 234 -9.87 -0.59 -7.81
N ALA D 235 -10.92 -0.23 -7.07
CA ALA D 235 -12.27 -0.20 -7.61
C ALA D 235 -13.17 0.78 -6.85
N ALA D 236 -14.35 1.02 -7.41
CA ALA D 236 -15.43 1.77 -6.76
C ALA D 236 -16.68 0.91 -6.58
N LEU D 237 -17.26 0.93 -5.38
CA LEU D 237 -18.58 0.37 -5.12
C LEU D 237 -19.55 1.51 -5.09
N SER D 238 -20.64 1.40 -5.85
CA SER D 238 -21.55 2.53 -6.00
C SER D 238 -23.01 2.16 -5.83
N ALA D 239 -23.83 3.17 -5.51
CA ALA D 239 -25.29 3.07 -5.54
C ALA D 239 -25.86 4.08 -6.53
N VAL D 240 -27.01 3.75 -7.10
CA VAL D 240 -27.92 4.73 -7.66
C VAL D 240 -29.22 4.67 -6.85
N GLN D 241 -29.75 5.84 -6.48
CA GLN D 241 -30.96 5.93 -5.67
C GLN D 241 -31.70 7.24 -5.94
N PRO D 242 -32.96 7.35 -5.46
CA PRO D 242 -33.68 8.60 -5.68
C PRO D 242 -32.93 9.79 -5.10
N LEU D 243 -32.96 10.91 -5.82
CA LEU D 243 -32.27 12.14 -5.40
C LEU D 243 -32.70 12.60 -4.00
N GLN D 244 -33.99 12.46 -3.66
CA GLN D 244 -34.50 12.99 -2.39
C GLN D 244 -34.02 12.22 -1.17
N ASN D 245 -33.60 10.97 -1.35
CA ASN D 245 -33.20 10.12 -0.24
C ASN D 245 -31.95 10.58 0.44
N ALA D 246 -31.78 10.19 1.70
CA ALA D 246 -30.60 10.62 2.48
C ALA D 246 -29.32 9.99 1.91
N VAL D 247 -28.24 10.76 1.83
CA VAL D 247 -26.98 10.27 1.27
C VAL D 247 -26.16 9.46 2.29
N GLU D 248 -25.99 10.02 3.48
CA GLU D 248 -25.09 9.46 4.47
C GLU D 248 -25.40 7.99 4.88
N PRO D 249 -26.69 7.59 4.97
CA PRO D 249 -26.92 6.17 5.29
C PRO D 249 -26.42 5.19 4.20
N THR D 250 -26.62 5.53 2.93
CA THR D 250 -26.05 4.77 1.81
C THR D 250 -24.52 4.76 1.81
N VAL D 251 -23.89 5.90 2.12
CA VAL D 251 -22.44 5.96 2.24
C VAL D 251 -21.96 4.91 3.24
N GLU D 252 -22.61 4.84 4.41
CA GLU D 252 -22.18 3.90 5.46
C GLU D 252 -22.38 2.45 5.05
N ILE D 253 -23.50 2.16 4.39
CA ILE D 253 -23.80 0.82 3.87
C ILE D 253 -22.74 0.42 2.84
N LEU D 254 -22.45 1.32 1.91
CA LEU D 254 -21.44 1.03 0.90
C LEU D 254 -20.09 0.83 1.57
N ARG D 255 -19.78 1.66 2.57
CA ARG D 255 -18.53 1.51 3.34
C ARG D 255 -18.38 0.16 4.02
N GLU D 256 -19.46 -0.36 4.60
CA GLU D 256 -19.43 -1.69 5.25
C GLU D 256 -19.17 -2.76 4.23
N ALA D 257 -19.89 -2.72 3.12
CA ALA D 257 -19.62 -3.61 1.98
C ALA D 257 -18.17 -3.51 1.46
N ALA D 258 -17.63 -2.29 1.37
CA ALA D 258 -16.28 -2.10 0.87
C ALA D 258 -15.24 -2.73 1.81
N VAL D 259 -15.43 -2.57 3.12
CA VAL D 259 -14.55 -3.17 4.12
C VAL D 259 -14.64 -4.70 4.05
N GLY D 260 -15.84 -5.25 3.91
CA GLY D 260 -16.00 -6.71 3.72
C GLY D 260 -15.22 -7.22 2.52
N ILE D 261 -15.35 -6.52 1.40
CA ILE D 261 -14.65 -6.87 0.17
C ILE D 261 -13.14 -6.82 0.40
N GLU D 262 -12.67 -5.78 1.10
CA GLU D 262 -11.22 -5.64 1.41
C GLU D 262 -10.68 -6.78 2.26
N THR D 263 -11.39 -7.11 3.34
CA THR D 263 -11.07 -8.27 4.20
C THR D 263 -10.88 -9.53 3.36
N ASP D 264 -11.87 -9.83 2.51
CA ASP D 264 -11.88 -11.07 1.72
C ASP D 264 -10.77 -11.17 0.65
N LEU D 265 -10.30 -10.06 0.09
CA LEU D 265 -9.23 -10.12 -0.92
C LEU D 265 -7.92 -10.66 -0.33
P PO4 E . 22.43 6.82 12.82
O1 PO4 E . 22.86 8.23 13.15
O2 PO4 E . 22.00 6.76 11.37
O3 PO4 E . 23.60 5.89 13.04
O4 PO4 E . 21.27 6.44 13.74
#